data_3FRK
#
_entry.id   3FRK
#
_cell.length_a   109.100
_cell.length_b   109.100
_cell.length_c   177.900
_cell.angle_alpha   90.00
_cell.angle_beta   90.00
_cell.angle_gamma   120.00
#
_symmetry.space_group_name_H-M   'P 61'
#
loop_
_entity.id
_entity.type
_entity.pdbx_description
1 polymer QdtB
2 non-polymer '(2R,3R,4S,5S,6R)-3,5-dihydroxy-4-{[(1E)-{3-hydroxy-2-methyl-5-[(phosphonooxy)methyl]pyridin-4-yl}methylidene]amino}-6-methyltetrahydro-2H-pyran-2-yl [(2R,3S,5R)-3-hydroxy-5-(5-methyl-2,4-dioxo-3,4-dihydropyrimidin-1(2H)-yl)tetrahydrofuran-2-yl]methyl dihydrogen diphosphate'
3 water water
#
_entity_poly.entity_id   1
_entity_poly.type   'polypeptide(L)'
_entity_poly.pdbx_seq_one_letter_code
;MKISFASFKPMHDEIEYEIKFKFEEIYKRNWFILGDEDKKFEQEFADYCNVNYCIGCGNGLDALHLILKGYDIGFGDEVI
VPSNTFIATALAVSYTGAKPIFVEPDIRTYNIDPSLIESAITEKTKAIIAVHLYGQPADMDEIKRIAKKYNLKLIEDAAQ
AHGSLYKGMKVGSLGDAAGFSFYPAKNLGSLGDGGAVVTNDKDLAEKIKALSNYGSEKKYHHIYKGFNSRLDELQAGFLR
VKLKYLDKWNEERRKIAQKYIAGINNPNVIIPVEADYAKHVWYTFVIRSEKRDELQKYLNNNGIGTLIHYPIPIHLQQAY
KDLGFKTGNFPIAEKIANEILSIPIWYGMKNEEIEYVIDKINAWKLEHHHHHH
;
_entity_poly.pdbx_strand_id   A,B
#
loop_
_chem_comp.id
_chem_comp.type
_chem_comp.name
_chem_comp.formula
TQP non-polymer '(2R,3R,4S,5S,6R)-3,5-dihydroxy-4-{[(1E)-{3-hydroxy-2-methyl-5-[(phosphonooxy)methyl]pyridin-4-yl}methylidene]amino}-6-methyltetrahydro-2H-pyran-2-yl [(2R,3S,5R)-3-hydroxy-5-(5-methyl-2,4-dioxo-3,4-dihydropyrimidin-1(2H)-yl)tetrahydrofuran-2-yl]methyl dihydrogen diphosphate' 'C24 H35 N4 O19 P3'
#
# COMPACT_ATOMS: atom_id res chain seq x y z
N MET A 1 35.57 5.16 16.92
CA MET A 1 34.16 5.01 17.26
C MET A 1 33.31 5.05 15.98
N LYS A 2 32.25 4.24 15.90
CA LYS A 2 31.36 4.29 14.73
C LYS A 2 29.93 4.45 15.19
N ILE A 3 29.29 5.55 14.73
CA ILE A 3 27.91 5.92 15.09
C ILE A 3 26.95 5.93 13.91
N SER A 4 26.05 4.95 13.90
CA SER A 4 25.11 4.81 12.80
C SER A 4 24.19 5.99 12.92
N PHE A 5 23.66 6.45 11.78
CA PHE A 5 22.72 7.58 11.69
C PHE A 5 21.46 7.20 12.44
N ALA A 6 20.97 6.00 12.14
CA ALA A 6 19.79 5.46 12.82
C ALA A 6 20.02 3.98 13.22
N SER A 7 19.66 3.62 14.47
CA SER A 7 19.76 2.25 15.01
C SER A 7 18.61 1.83 15.92
N PHE A 8 17.88 0.79 15.50
CA PHE A 8 16.67 0.19 16.10
C PHE A 8 16.98 -0.85 17.20
N LYS A 9 18.19 -1.35 17.08
CA LYS A 9 18.63 -2.37 17.97
C LYS A 9 18.03 -2.22 19.37
N PRO A 10 18.45 -1.18 20.08
CA PRO A 10 17.98 -0.91 21.43
C PRO A 10 16.47 -1.01 21.64
N MET A 11 15.70 -0.15 21.00
CA MET A 11 14.29 -0.28 21.26
C MET A 11 13.79 -1.64 20.78
N HIS A 12 14.35 -2.18 19.70
CA HIS A 12 13.84 -3.47 19.28
C HIS A 12 14.10 -4.56 20.28
N ASP A 13 15.36 -4.60 20.69
CA ASP A 13 15.83 -5.57 21.66
C ASP A 13 14.85 -5.44 22.81
N GLU A 14 14.73 -4.18 23.20
CA GLU A 14 13.86 -3.87 24.30
C GLU A 14 12.51 -4.58 24.25
N ILE A 15 11.83 -4.65 23.11
CA ILE A 15 10.50 -5.31 23.12
C ILE A 15 10.48 -6.61 22.32
N GLU A 16 11.67 -7.06 21.98
CA GLU A 16 11.71 -8.29 21.23
C GLU A 16 10.72 -9.30 21.76
N TYR A 17 10.84 -9.66 23.02
CA TYR A 17 9.94 -10.75 23.37
C TYR A 17 8.48 -10.51 23.11
N GLU A 18 8.03 -9.34 23.55
CA GLU A 18 6.68 -8.89 23.32
C GLU A 18 6.30 -8.84 21.81
N ILE A 19 7.21 -8.45 20.93
CA ILE A 19 6.90 -8.42 19.50
C ILE A 19 6.71 -9.84 19.01
N LYS A 20 7.63 -10.71 19.38
CA LYS A 20 7.56 -12.11 18.96
C LYS A 20 6.21 -12.71 19.32
N PHE A 21 5.74 -12.34 20.51
CA PHE A 21 4.46 -12.84 21.04
C PHE A 21 3.19 -12.33 20.33
N LYS A 22 3.23 -11.05 19.93
CA LYS A 22 2.14 -10.42 19.19
C LYS A 22 2.01 -11.28 17.93
N PHE A 23 3.10 -11.35 17.18
CA PHE A 23 3.20 -12.16 15.98
C PHE A 23 2.74 -13.59 16.24
N GLU A 24 3.40 -14.35 17.10
CA GLU A 24 2.90 -15.71 17.31
C GLU A 24 1.36 -15.67 17.48
N GLU A 25 0.84 -14.71 18.26
CA GLU A 25 -0.60 -14.59 18.59
C GLU A 25 -1.64 -14.41 17.48
N ILE A 26 -1.27 -13.58 16.52
CA ILE A 26 -2.09 -13.31 15.35
C ILE A 26 -1.93 -14.44 14.33
N TYR A 27 -0.71 -14.95 14.15
CA TYR A 27 -0.46 -16.04 13.20
C TYR A 27 -1.35 -17.22 13.56
N LYS A 28 -1.49 -17.39 14.86
CA LYS A 28 -2.33 -18.47 15.32
C LYS A 28 -3.78 -18.14 14.90
N ARG A 29 -4.11 -16.87 14.90
CA ARG A 29 -5.47 -16.41 14.57
C ARG A 29 -5.73 -16.60 13.10
N ASN A 30 -4.67 -16.67 12.28
CA ASN A 30 -4.88 -16.80 10.85
C ASN A 30 -5.92 -15.78 10.39
N TRP A 31 -5.76 -14.55 10.85
CA TRP A 31 -6.64 -13.45 10.43
C TRP A 31 -5.66 -12.29 10.25
N PHE A 32 -5.37 -11.92 9.00
CA PHE A 32 -4.34 -10.93 8.69
C PHE A 32 -4.80 -9.63 8.11
N ILE A 33 -6.09 -9.55 7.83
CA ILE A 33 -6.59 -8.32 7.23
C ILE A 33 -7.85 -7.85 7.91
N LEU A 34 -7.89 -6.55 8.20
CA LEU A 34 -9.04 -5.89 8.82
C LEU A 34 -9.63 -6.61 10.01
N GLY A 35 -8.85 -6.72 11.06
CA GLY A 35 -9.44 -7.41 12.17
C GLY A 35 -9.25 -6.65 13.44
N ASP A 36 -9.03 -7.44 14.47
CA ASP A 36 -8.87 -6.94 15.80
C ASP A 36 -7.80 -5.89 16.12
N GLU A 37 -6.54 -6.19 15.80
CA GLU A 37 -5.44 -5.28 16.10
C GLU A 37 -5.66 -3.95 15.39
N ASP A 38 -6.32 -4.06 14.25
CA ASP A 38 -6.65 -2.88 13.46
C ASP A 38 -7.54 -1.98 14.29
N LYS A 39 -8.59 -2.61 14.81
CA LYS A 39 -9.60 -1.93 15.59
C LYS A 39 -9.05 -1.30 16.86
N LYS A 40 -8.37 -2.12 17.65
CA LYS A 40 -7.78 -1.64 18.90
C LYS A 40 -6.66 -0.65 18.69
N PHE A 41 -5.91 -0.77 17.60
CA PHE A 41 -4.85 0.22 17.40
C PHE A 41 -5.49 1.56 17.13
N GLU A 42 -6.50 1.49 16.26
CA GLU A 42 -7.19 2.69 15.82
C GLU A 42 -7.75 3.41 17.00
N GLN A 43 -8.40 2.62 17.83
CA GLN A 43 -9.03 3.15 18.99
C GLN A 43 -8.02 3.77 19.91
N GLU A 44 -6.91 3.05 20.11
CA GLU A 44 -5.87 3.55 21.03
C GLU A 44 -5.18 4.75 20.44
N PHE A 45 -4.81 4.62 19.17
CA PHE A 45 -4.13 5.73 18.52
C PHE A 45 -4.96 7.00 18.50
N ALA A 46 -6.22 6.86 18.14
CA ALA A 46 -7.13 7.98 18.13
C ALA A 46 -7.14 8.54 19.55
N ASP A 47 -7.08 7.64 20.51
CA ASP A 47 -7.11 8.05 21.91
C ASP A 47 -5.87 8.89 22.13
N TYR A 48 -4.74 8.34 21.70
CA TYR A 48 -3.48 9.04 21.86
C TYR A 48 -3.46 10.45 21.25
N CYS A 49 -4.14 10.63 20.13
CA CYS A 49 -4.17 11.93 19.46
C CYS A 49 -5.32 12.78 19.91
N ASN A 50 -6.16 12.24 20.78
CA ASN A 50 -7.32 12.99 21.27
C ASN A 50 -8.33 13.41 20.21
N VAL A 51 -8.63 12.51 19.28
CA VAL A 51 -9.60 12.80 18.24
C VAL A 51 -10.48 11.56 18.20
N ASN A 52 -11.71 11.70 17.71
CA ASN A 52 -12.70 10.64 17.65
C ASN A 52 -12.26 9.41 16.90
N TYR A 53 -11.83 9.64 15.67
CA TYR A 53 -11.48 8.53 14.81
C TYR A 53 -10.07 8.38 14.27
N CYS A 54 -9.77 7.12 13.92
CA CYS A 54 -8.51 6.72 13.33
C CYS A 54 -8.84 5.70 12.24
N ILE A 55 -8.26 5.84 11.05
CA ILE A 55 -8.48 4.84 10.01
C ILE A 55 -7.06 4.42 9.61
N GLY A 56 -6.74 3.16 9.73
CA GLY A 56 -5.40 2.79 9.33
C GLY A 56 -5.29 2.67 7.82
N CYS A 57 -4.10 2.86 7.29
CA CYS A 57 -3.94 2.71 5.87
C CYS A 57 -2.54 2.18 5.58
N GLY A 58 -2.19 2.15 4.31
CA GLY A 58 -0.90 1.58 3.91
C GLY A 58 0.40 2.35 4.09
N ASN A 59 0.30 3.67 4.23
CA ASN A 59 1.48 4.50 4.36
C ASN A 59 1.08 5.94 4.59
N GLY A 60 2.08 6.75 4.93
CA GLY A 60 1.79 8.15 5.25
C GLY A 60 1.36 8.90 4.00
N LEU A 61 1.91 8.50 2.88
CA LEU A 61 1.57 9.15 1.64
C LEU A 61 0.08 8.88 1.46
N ASP A 62 -0.20 7.60 1.48
CA ASP A 62 -1.58 7.26 1.28
C ASP A 62 -2.53 7.98 2.22
N ALA A 63 -2.09 8.13 3.46
CA ALA A 63 -2.90 8.81 4.45
C ALA A 63 -3.36 10.15 3.86
N LEU A 64 -2.43 10.98 3.42
CA LEU A 64 -2.81 12.31 2.93
C LEU A 64 -3.76 12.25 1.75
N HIS A 65 -3.34 11.44 0.82
CA HIS A 65 -4.14 11.31 -0.36
C HIS A 65 -5.62 10.93 -0.07
N LEU A 66 -5.78 10.01 0.84
CA LEU A 66 -7.11 9.54 1.18
C LEU A 66 -7.90 10.65 1.80
N ILE A 67 -7.17 11.49 2.51
CA ILE A 67 -7.86 12.57 3.17
C ILE A 67 -8.35 13.61 2.15
N LEU A 68 -7.56 13.91 1.12
CA LEU A 68 -7.94 14.90 0.13
C LEU A 68 -9.13 14.36 -0.63
N LYS A 69 -9.00 13.09 -0.91
CA LYS A 69 -10.04 12.37 -1.63
C LYS A 69 -11.31 12.35 -0.80
N GLY A 70 -11.20 11.93 0.45
CA GLY A 70 -12.37 11.89 1.30
C GLY A 70 -12.91 13.29 1.36
N TYR A 71 -12.06 14.23 1.02
CA TYR A 71 -12.50 15.60 1.05
C TYR A 71 -12.97 15.90 -0.36
N ASP A 72 -12.72 14.98 -1.28
CA ASP A 72 -13.19 15.19 -2.64
C ASP A 72 -12.44 16.28 -3.33
N ILE A 73 -11.13 16.20 -3.16
CA ILE A 73 -10.22 17.13 -3.77
C ILE A 73 -9.53 16.39 -4.92
N GLY A 74 -9.28 17.12 -6.01
CA GLY A 74 -8.66 16.50 -7.16
C GLY A 74 -8.45 17.59 -8.21
N PHE A 75 -8.67 17.21 -9.46
CA PHE A 75 -8.53 18.21 -10.52
C PHE A 75 -9.12 19.59 -10.38
N GLY A 76 -8.36 20.56 -10.89
CA GLY A 76 -8.80 21.95 -10.85
C GLY A 76 -9.10 22.41 -9.43
N ASP A 77 -8.27 21.92 -8.53
CA ASP A 77 -8.36 22.25 -7.12
C ASP A 77 -6.91 22.51 -6.81
N GLU A 78 -6.64 23.37 -5.84
CA GLU A 78 -5.24 23.60 -5.52
C GLU A 78 -5.04 23.39 -4.04
N VAL A 79 -3.83 22.96 -3.64
CA VAL A 79 -3.54 22.75 -2.22
C VAL A 79 -2.15 23.22 -1.82
N ILE A 80 -2.18 24.08 -0.81
CA ILE A 80 -0.96 24.64 -0.23
C ILE A 80 -0.13 23.66 0.60
N VAL A 81 1.15 23.67 0.29
CA VAL A 81 2.07 22.82 1.02
C VAL A 81 3.40 23.59 1.14
N PRO A 82 4.17 23.26 2.17
CA PRO A 82 5.44 23.96 2.38
C PRO A 82 6.53 23.66 1.35
N SER A 83 7.14 24.72 0.86
CA SER A 83 8.19 24.49 -0.13
C SER A 83 9.27 23.48 0.29
N ASN A 84 9.50 23.35 1.59
CA ASN A 84 10.59 22.48 1.98
C ASN A 84 10.23 21.13 2.53
N THR A 85 9.02 20.62 2.34
CA THR A 85 8.67 19.29 2.83
C THR A 85 9.14 18.07 1.99
N PHE A 86 8.96 16.86 2.50
CA PHE A 86 9.33 15.66 1.77
C PHE A 86 8.34 15.61 0.63
N ILE A 87 8.82 15.17 -0.53
CA ILE A 87 8.06 15.14 -1.75
C ILE A 87 6.78 14.35 -1.57
N ALA A 88 6.84 13.50 -0.58
CA ALA A 88 5.64 12.70 -0.34
C ALA A 88 4.38 13.53 -0.12
N THR A 89 4.51 14.67 0.56
CA THR A 89 3.39 15.59 0.78
C THR A 89 2.83 16.12 -0.57
N ALA A 90 3.67 16.20 -1.60
CA ALA A 90 3.29 16.70 -2.94
C ALA A 90 2.65 15.62 -3.79
N LEU A 91 3.28 14.46 -3.81
CA LEU A 91 2.66 13.41 -4.60
C LEU A 91 1.20 13.38 -4.23
N ALA A 92 0.94 13.07 -2.95
CA ALA A 92 -0.41 12.94 -2.39
C ALA A 92 -1.39 13.86 -3.08
N VAL A 93 -0.95 15.10 -3.12
CA VAL A 93 -1.77 16.13 -3.75
C VAL A 93 -1.89 15.73 -5.19
N SER A 94 -0.80 15.80 -5.93
CA SER A 94 -0.85 15.44 -7.33
C SER A 94 -1.66 14.22 -7.64
N TYR A 95 -1.60 13.23 -6.75
CA TYR A 95 -2.26 11.94 -6.97
C TYR A 95 -3.78 12.14 -7.13
N THR A 96 -4.30 13.28 -6.72
CA THR A 96 -5.72 13.49 -6.84
C THR A 96 -6.10 14.31 -8.06
N GLY A 97 -5.09 14.95 -8.63
CA GLY A 97 -5.27 15.83 -9.78
C GLY A 97 -5.05 17.26 -9.29
N ALA A 98 -5.40 17.52 -8.05
CA ALA A 98 -5.26 18.85 -7.47
C ALA A 98 -3.85 19.39 -7.72
N LYS A 99 -3.62 20.66 -7.42
CA LYS A 99 -2.30 21.21 -7.69
C LYS A 99 -1.64 21.72 -6.42
N PRO A 100 -0.50 21.11 -6.08
CA PRO A 100 0.14 21.57 -4.86
C PRO A 100 0.72 22.94 -5.17
N ILE A 101 0.55 23.88 -4.25
CA ILE A 101 1.10 25.21 -4.44
C ILE A 101 1.98 25.39 -3.23
N PHE A 102 3.22 25.78 -3.50
CA PHE A 102 4.20 25.93 -2.43
C PHE A 102 4.32 27.19 -1.62
N VAL A 103 4.49 26.99 -0.31
CA VAL A 103 4.65 28.12 0.59
C VAL A 103 5.90 27.89 1.39
N GLU A 104 6.69 28.94 1.46
CA GLU A 104 7.93 28.79 2.18
C GLU A 104 7.75 28.66 3.67
N PRO A 105 8.73 28.01 4.29
CA PRO A 105 8.75 27.80 5.75
C PRO A 105 9.42 29.02 6.37
N ASP A 106 9.54 29.01 7.70
CA ASP A 106 10.25 29.98 8.53
C ASP A 106 11.54 29.21 8.91
N ILE A 107 12.64 29.68 8.38
CA ILE A 107 13.90 29.00 8.64
C ILE A 107 14.16 28.64 10.13
N ARG A 108 13.51 29.36 11.03
CA ARG A 108 13.73 29.07 12.45
C ARG A 108 12.97 27.83 12.89
N THR A 109 12.05 27.36 12.06
CA THR A 109 11.25 26.23 12.49
C THR A 109 11.24 25.16 11.45
N TYR A 110 11.66 25.54 10.25
CA TYR A 110 11.68 24.55 9.16
C TYR A 110 10.23 24.26 8.81
N ASN A 111 9.34 25.11 9.29
CA ASN A 111 7.96 24.85 8.98
C ASN A 111 7.33 26.02 8.27
N ILE A 112 6.34 25.70 7.45
CA ILE A 112 5.63 26.69 6.64
C ILE A 112 5.39 28.02 7.32
N ASP A 113 5.80 29.12 6.72
CA ASP A 113 5.58 30.41 7.36
C ASP A 113 4.16 30.91 7.10
N PRO A 114 3.35 30.86 8.14
CA PRO A 114 1.96 31.27 8.02
C PRO A 114 1.79 32.60 7.30
N SER A 115 2.52 33.60 7.79
CA SER A 115 2.49 34.93 7.23
C SER A 115 2.66 34.88 5.70
N LEU A 116 3.18 33.76 5.20
CA LEU A 116 3.35 33.53 3.74
C LEU A 116 2.19 32.87 2.95
N ILE A 117 1.20 32.35 3.66
CA ILE A 117 0.12 31.61 3.00
C ILE A 117 -1.01 32.27 2.21
N GLU A 118 -1.57 33.29 2.83
CA GLU A 118 -2.69 33.97 2.22
C GLU A 118 -2.34 34.27 0.78
N SER A 119 -1.18 34.88 0.64
CA SER A 119 -0.70 35.26 -0.67
C SER A 119 -0.72 34.11 -1.66
N ALA A 120 -0.80 32.88 -1.19
CA ALA A 120 -0.79 31.75 -2.11
C ALA A 120 -2.20 31.29 -2.41
N ILE A 121 -3.11 31.74 -1.56
CA ILE A 121 -4.48 31.31 -1.75
C ILE A 121 -5.18 31.80 -2.98
N THR A 122 -6.02 30.95 -3.56
CA THR A 122 -6.75 31.39 -4.75
C THR A 122 -8.13 30.78 -4.82
N GLU A 123 -8.86 31.18 -5.86
CA GLU A 123 -10.20 30.67 -6.16
C GLU A 123 -10.19 29.14 -6.15
N LYS A 124 -9.05 28.60 -6.58
CA LYS A 124 -8.91 27.16 -6.71
C LYS A 124 -8.51 26.52 -5.41
N THR A 125 -7.89 27.31 -4.53
CA THR A 125 -7.48 26.71 -3.27
C THR A 125 -8.60 25.96 -2.59
N LYS A 126 -8.22 24.85 -1.96
CA LYS A 126 -9.18 23.97 -1.30
C LYS A 126 -8.66 23.55 0.08
N ALA A 127 -7.35 23.40 0.17
CA ALA A 127 -6.79 23.05 1.47
C ALA A 127 -5.34 23.49 1.64
N ILE A 128 -4.90 23.43 2.90
CA ILE A 128 -3.53 23.71 3.25
C ILE A 128 -3.05 22.51 4.03
N ILE A 129 -1.87 21.97 3.70
CA ILE A 129 -1.33 20.84 4.49
C ILE A 129 -0.15 21.32 5.32
N ALA A 130 -0.36 21.49 6.61
CA ALA A 130 0.72 21.99 7.45
C ALA A 130 1.53 20.76 7.88
N VAL A 131 2.82 20.75 7.57
CA VAL A 131 3.64 19.60 7.89
C VAL A 131 4.36 19.93 9.18
N HIS A 132 4.50 18.91 10.03
CA HIS A 132 5.23 19.11 11.28
C HIS A 132 6.56 18.43 10.96
N LEU A 133 7.59 19.20 10.61
CA LEU A 133 8.86 18.64 10.17
C LEU A 133 9.83 18.29 11.29
N TYR A 134 10.58 17.22 11.12
CA TYR A 134 11.60 16.89 12.13
C TYR A 134 11.07 16.48 13.47
N GLY A 135 9.78 16.71 13.64
CA GLY A 135 9.18 16.31 14.93
C GLY A 135 8.64 17.44 15.80
N GLN A 136 8.36 18.60 15.19
CA GLN A 136 7.85 19.74 15.94
C GLN A 136 6.78 20.39 15.08
N PRO A 137 5.70 20.80 15.72
CA PRO A 137 4.60 21.37 14.96
C PRO A 137 4.75 22.68 14.20
N ALA A 138 3.83 22.85 13.24
CA ALA A 138 3.65 24.07 12.47
C ALA A 138 2.95 25.01 13.45
N ASP A 139 2.96 26.31 13.17
CA ASP A 139 2.31 27.25 14.10
C ASP A 139 0.84 27.27 13.76
N MET A 140 0.22 26.20 14.24
CA MET A 140 -1.18 25.93 13.99
C MET A 140 -2.19 26.99 14.27
N ASP A 141 -2.02 27.76 15.33
CA ASP A 141 -3.01 28.79 15.63
C ASP A 141 -3.20 29.84 14.58
N GLU A 142 -2.06 30.22 14.03
CA GLU A 142 -2.02 31.19 12.96
C GLU A 142 -2.51 30.55 11.67
N ILE A 143 -2.09 29.32 11.48
CA ILE A 143 -2.48 28.63 10.25
C ILE A 143 -3.99 28.50 10.22
N LYS A 144 -4.51 28.15 11.39
CA LYS A 144 -5.95 27.98 11.65
C LYS A 144 -6.74 29.18 11.14
N ARG A 145 -6.42 30.32 11.76
CA ARG A 145 -7.00 31.61 11.46
C ARG A 145 -7.28 31.74 9.96
N ILE A 146 -6.21 31.76 9.18
CA ILE A 146 -6.28 31.86 7.72
C ILE A 146 -7.17 30.81 7.04
N ALA A 147 -7.12 29.56 7.50
CA ALA A 147 -7.92 28.49 6.91
C ALA A 147 -9.35 28.86 7.06
N LYS A 148 -9.65 29.24 8.31
CA LYS A 148 -11.02 29.64 8.60
C LYS A 148 -11.40 30.70 7.59
N LYS A 149 -10.87 31.89 7.85
CA LYS A 149 -11.05 33.09 7.01
C LYS A 149 -11.32 32.69 5.56
N TYR A 150 -10.58 31.71 5.09
CA TYR A 150 -10.79 31.35 3.72
C TYR A 150 -11.62 30.15 3.53
N ASN A 151 -11.87 29.49 4.65
CA ASN A 151 -12.66 28.28 4.58
C ASN A 151 -11.92 27.20 3.83
N LEU A 152 -10.71 26.95 4.30
CA LEU A 152 -9.92 25.89 3.69
C LEU A 152 -9.90 24.78 4.73
N LYS A 153 -9.80 23.54 4.27
CA LYS A 153 -9.68 22.40 5.18
C LYS A 153 -8.19 22.42 5.54
N LEU A 154 -7.89 22.19 6.81
CA LEU A 154 -6.51 22.22 7.24
C LEU A 154 -6.12 20.81 7.67
N ILE A 155 -5.15 20.24 6.98
CA ILE A 155 -4.69 18.88 7.18
C ILE A 155 -3.29 18.96 7.71
N GLU A 156 -3.07 18.24 8.79
CA GLU A 156 -1.74 18.16 9.37
C GLU A 156 -1.02 17.06 8.58
N ASP A 157 0.25 17.26 8.25
CA ASP A 157 0.91 16.14 7.59
C ASP A 157 1.78 15.84 8.79
N ALA A 158 1.40 14.89 9.64
CA ALA A 158 2.16 14.62 10.84
C ALA A 158 3.08 13.39 10.83
N ALA A 159 3.54 12.98 9.65
CA ALA A 159 4.41 11.81 9.43
C ALA A 159 5.68 11.73 10.27
N GLN A 160 6.22 12.89 10.58
CA GLN A 160 7.43 12.92 11.36
C GLN A 160 7.12 13.45 12.76
N ALA A 161 5.89 13.39 13.28
CA ALA A 161 5.71 13.98 14.61
C ALA A 161 4.97 13.31 15.75
N HIS A 162 4.85 12.00 15.62
CA HIS A 162 4.20 11.21 16.63
C HIS A 162 4.44 11.61 18.07
N GLY A 163 3.40 12.10 18.74
CA GLY A 163 3.51 12.40 20.16
C GLY A 163 4.02 13.79 20.42
N SER A 164 4.00 14.64 19.38
CA SER A 164 4.44 16.02 19.55
C SER A 164 3.27 16.89 20.07
N LEU A 165 3.63 17.94 20.81
CA LEU A 165 2.61 18.88 21.32
C LEU A 165 2.80 20.30 20.87
N TYR A 166 1.65 20.85 20.52
CA TYR A 166 1.63 22.22 20.11
C TYR A 166 0.83 22.92 21.16
N LYS A 167 1.49 23.75 21.95
CA LYS A 167 0.81 24.46 23.03
C LYS A 167 0.03 23.49 23.93
N GLY A 168 0.64 22.35 24.23
CA GLY A 168 0.03 21.33 25.09
C GLY A 168 -0.94 20.35 24.43
N MET A 169 -1.13 20.44 23.12
CA MET A 169 -2.04 19.50 22.51
C MET A 169 -1.35 18.65 21.51
N LYS A 170 -1.97 17.49 21.31
CA LYS A 170 -1.40 16.50 20.45
C LYS A 170 -1.50 16.80 18.99
N VAL A 171 -0.36 16.62 18.34
CA VAL A 171 -0.32 16.70 16.88
C VAL A 171 -1.36 15.59 16.54
N GLY A 172 -2.23 15.85 15.57
CA GLY A 172 -3.26 14.89 15.20
C GLY A 172 -4.63 15.47 15.51
N SER A 173 -4.67 16.27 16.56
CA SER A 173 -5.92 16.92 16.89
C SER A 173 -5.81 18.40 16.55
N LEU A 174 -4.86 18.85 15.72
CA LEU A 174 -4.83 20.30 15.51
C LEU A 174 -5.49 20.86 14.29
N GLY A 175 -5.91 20.03 13.36
CA GLY A 175 -6.55 20.64 12.22
C GLY A 175 -7.88 19.97 12.01
N ASP A 176 -8.16 19.65 10.76
CA ASP A 176 -9.41 19.04 10.39
C ASP A 176 -9.15 17.57 10.29
N ALA A 177 -7.92 17.21 9.95
CA ALA A 177 -7.61 15.79 9.87
C ALA A 177 -6.12 15.75 9.75
N ALA A 178 -5.54 14.67 10.23
CA ALA A 178 -4.10 14.47 10.19
C ALA A 178 -3.71 13.18 9.45
N GLY A 179 -2.49 13.16 8.93
CA GLY A 179 -2.02 11.96 8.28
C GLY A 179 -0.73 11.51 8.97
N PHE A 180 -0.54 10.21 9.16
CA PHE A 180 0.67 9.74 9.81
C PHE A 180 1.32 8.59 9.03
N SER A 181 2.65 8.52 9.12
CA SER A 181 3.45 7.48 8.52
C SER A 181 3.93 6.74 9.74
N PHE A 182 3.98 5.42 9.58
CA PHE A 182 4.48 4.48 10.57
C PHE A 182 5.65 3.72 9.87
N TYR A 183 6.24 4.39 8.88
CA TYR A 183 7.39 3.84 8.15
C TYR A 183 8.37 3.35 9.25
N PRO A 184 9.17 2.29 9.03
CA PRO A 184 10.05 1.81 10.07
C PRO A 184 10.86 2.74 10.98
N ALA A 185 11.40 3.78 10.34
CA ALA A 185 12.22 4.81 10.96
C ALA A 185 11.54 5.97 11.71
N LYS A 186 10.22 5.91 11.86
CA LYS A 186 9.53 6.99 12.57
C LYS A 186 9.65 6.87 14.10
N ASN A 187 9.12 7.86 14.82
CA ASN A 187 9.13 7.90 16.29
C ASN A 187 8.30 6.73 16.74
N LEU A 188 7.28 6.43 15.94
CA LEU A 188 6.46 5.25 16.17
C LEU A 188 6.55 4.51 14.84
N GLY A 189 7.46 3.55 14.73
CA GLY A 189 7.57 2.89 13.42
C GLY A 189 7.10 1.46 13.43
N SER A 190 6.46 1.11 12.33
CA SER A 190 5.88 -0.21 12.09
C SER A 190 7.10 -1.03 11.71
N LEU A 191 6.81 -2.27 11.34
CA LEU A 191 7.82 -3.21 10.92
C LEU A 191 7.60 -3.32 9.44
N GLY A 192 7.07 -2.27 8.84
CA GLY A 192 6.87 -2.39 7.39
C GLY A 192 6.32 -1.10 6.91
N ASP A 193 5.56 -1.14 5.84
CA ASP A 193 5.01 0.14 5.42
C ASP A 193 3.68 0.29 6.20
N GLY A 194 3.39 1.46 6.72
CA GLY A 194 2.16 1.64 7.51
C GLY A 194 1.84 3.14 7.60
N GLY A 195 0.58 3.47 7.82
CA GLY A 195 0.14 4.87 7.95
C GLY A 195 -1.25 4.89 8.55
N ALA A 196 -1.81 6.06 8.76
CA ALA A 196 -3.12 6.08 9.37
C ALA A 196 -3.66 7.48 9.27
N VAL A 197 -4.99 7.61 9.32
CA VAL A 197 -5.59 8.95 9.33
C VAL A 197 -6.29 9.08 10.68
N VAL A 198 -6.40 10.33 11.12
CA VAL A 198 -7.13 10.58 12.37
C VAL A 198 -7.94 11.87 12.15
N THR A 199 -9.17 11.80 12.65
CA THR A 199 -10.12 12.90 12.51
C THR A 199 -11.22 12.78 13.55
N ASN A 200 -11.91 13.91 13.75
CA ASN A 200 -13.04 13.95 14.64
C ASN A 200 -14.26 13.88 13.73
N ASP A 201 -14.05 14.18 12.44
CA ASP A 201 -15.06 14.18 11.36
C ASP A 201 -15.51 12.75 10.93
N LYS A 202 -16.60 12.30 11.53
CA LYS A 202 -17.15 10.96 11.30
C LYS A 202 -17.39 10.61 9.86
N ASP A 203 -17.90 11.57 9.14
CA ASP A 203 -18.17 11.34 7.75
C ASP A 203 -16.88 11.19 7.00
N LEU A 204 -15.97 12.14 7.19
CA LEU A 204 -14.73 12.06 6.44
C LEU A 204 -14.11 10.71 6.70
N ALA A 205 -14.21 10.35 7.98
CA ALA A 205 -13.66 9.08 8.37
C ALA A 205 -14.30 7.90 7.61
N GLU A 206 -15.62 7.77 7.77
CA GLU A 206 -16.35 6.66 7.17
C GLU A 206 -16.00 6.47 5.69
N LYS A 207 -15.88 7.59 4.99
CA LYS A 207 -15.58 7.60 3.56
C LYS A 207 -14.18 7.07 3.36
N ILE A 208 -13.28 7.65 4.13
CA ILE A 208 -11.91 7.22 4.03
C ILE A 208 -11.84 5.73 4.33
N LYS A 209 -12.61 5.26 5.30
CA LYS A 209 -12.51 3.83 5.53
C LYS A 209 -12.76 3.04 4.25
N ALA A 210 -13.93 3.28 3.65
CA ALA A 210 -14.34 2.61 2.43
C ALA A 210 -13.33 2.72 1.31
N LEU A 211 -12.88 3.95 1.07
CA LEU A 211 -11.92 4.07 -0.02
C LEU A 211 -10.69 3.22 0.14
N SER A 212 -10.20 3.07 1.38
CA SER A 212 -9.03 2.23 1.63
C SER A 212 -9.39 0.78 1.34
N ASN A 213 -10.69 0.49 1.32
CA ASN A 213 -11.14 -0.89 1.09
C ASN A 213 -11.93 -1.05 -0.19
N TYR A 214 -11.28 -0.73 -1.30
CA TYR A 214 -11.97 -0.89 -2.55
C TYR A 214 -13.19 -0.02 -2.66
N GLY A 215 -13.37 1.02 -1.86
CA GLY A 215 -14.57 1.86 -1.96
C GLY A 215 -15.77 1.13 -1.38
N SER A 216 -15.50 0.15 -0.54
CA SER A 216 -16.56 -0.64 0.05
C SER A 216 -16.82 -0.57 1.56
N GLU A 217 -18.09 -0.35 1.93
CA GLU A 217 -18.58 -0.24 3.32
C GLU A 217 -19.15 -1.57 3.83
N LYS A 218 -19.61 -2.41 2.90
CA LYS A 218 -20.15 -3.74 3.22
C LYS A 218 -19.85 -4.73 2.11
N LYS A 219 -19.86 -6.00 2.46
CA LYS A 219 -19.56 -7.05 1.49
C LYS A 219 -20.25 -7.03 0.14
N TYR A 220 -19.44 -7.29 -0.87
CA TYR A 220 -20.01 -7.34 -2.20
C TYR A 220 -20.53 -6.01 -2.69
N HIS A 221 -20.47 -5.01 -1.84
CA HIS A 221 -20.94 -3.71 -2.29
C HIS A 221 -19.88 -2.64 -2.39
N HIS A 222 -19.70 -2.00 -3.56
CA HIS A 222 -18.70 -0.92 -3.71
C HIS A 222 -19.19 0.48 -3.96
N ILE A 223 -19.19 1.35 -2.96
CA ILE A 223 -19.70 2.66 -3.29
C ILE A 223 -18.84 3.71 -3.93
N TYR A 224 -17.52 3.50 -3.94
CA TYR A 224 -16.64 4.50 -4.57
C TYR A 224 -15.56 3.79 -5.31
N LYS A 225 -14.82 4.52 -6.15
CA LYS A 225 -13.67 3.96 -6.87
C LYS A 225 -12.49 4.08 -5.90
N GLY A 226 -12.60 3.39 -4.77
CA GLY A 226 -11.56 3.38 -3.77
C GLY A 226 -10.35 2.65 -4.35
N PHE A 227 -9.56 2.12 -3.43
CA PHE A 227 -8.31 1.42 -3.75
C PHE A 227 -8.06 0.40 -2.68
N ASN A 228 -6.79 0.12 -2.48
CA ASN A 228 -6.57 -0.85 -1.42
C ASN A 228 -5.35 -0.35 -0.67
N SER A 229 -5.56 0.25 0.51
CA SER A 229 -4.43 0.75 1.28
C SER A 229 -4.83 0.62 2.73
N ARG A 230 -4.51 -0.54 3.29
CA ARG A 230 -4.85 -0.85 4.66
C ARG A 230 -3.62 -1.11 5.46
N LEU A 231 -3.79 -1.18 6.77
CA LEU A 231 -2.68 -1.43 7.64
C LEU A 231 -2.79 -2.88 8.15
N ASP A 232 -1.83 -3.71 7.76
CA ASP A 232 -1.92 -5.11 8.14
C ASP A 232 -2.18 -5.34 9.57
N GLU A 233 -2.85 -6.46 9.87
CA GLU A 233 -3.13 -6.81 11.23
C GLU A 233 -1.83 -6.94 12.00
N LEU A 234 -0.80 -7.44 11.32
CA LEU A 234 0.53 -7.62 11.94
C LEU A 234 1.18 -6.34 12.39
N GLN A 235 1.22 -5.37 11.47
CA GLN A 235 1.77 -4.05 11.75
C GLN A 235 1.05 -3.32 12.88
N ALA A 236 -0.28 -3.37 12.83
CA ALA A 236 -1.12 -2.75 13.84
C ALA A 236 -0.79 -3.38 15.17
N GLY A 237 -0.44 -4.67 15.14
CA GLY A 237 -0.19 -5.34 16.42
C GLY A 237 1.11 -4.82 16.99
N PHE A 238 2.02 -4.72 16.05
CA PHE A 238 3.35 -4.25 16.37
C PHE A 238 3.25 -2.82 16.88
N LEU A 239 2.30 -2.06 16.32
CA LEU A 239 2.13 -0.64 16.71
C LEU A 239 1.55 -0.51 18.10
N ARG A 240 0.62 -1.40 18.40
CA ARG A 240 0.00 -1.44 19.70
C ARG A 240 1.10 -1.63 20.72
N VAL A 241 1.97 -2.59 20.52
CA VAL A 241 3.01 -2.72 21.51
C VAL A 241 3.80 -1.45 21.58
N LYS A 242 4.26 -0.96 20.43
CA LYS A 242 5.10 0.25 20.47
C LYS A 242 4.50 1.52 21.04
N LEU A 243 3.20 1.68 20.85
CA LEU A 243 2.52 2.88 21.30
C LEU A 243 2.63 3.06 22.81
N LYS A 244 2.70 1.95 23.53
CA LYS A 244 2.83 2.04 24.97
C LYS A 244 4.13 2.75 25.35
N TYR A 245 5.21 2.56 24.59
CA TYR A 245 6.50 3.20 24.86
C TYR A 245 6.87 4.45 24.07
N LEU A 246 5.92 5.02 23.31
CA LEU A 246 6.23 6.18 22.49
C LEU A 246 6.64 7.36 23.33
N ASP A 247 5.76 7.67 24.26
CA ASP A 247 6.08 8.76 25.14
C ASP A 247 7.46 8.51 25.78
N LYS A 248 7.62 7.33 26.36
CA LYS A 248 8.86 6.94 27.01
C LYS A 248 10.12 7.21 26.20
N TRP A 249 10.19 6.63 25.02
CA TRP A 249 11.31 6.82 24.13
C TRP A 249 11.43 8.24 23.61
N ASN A 250 10.29 8.89 23.42
CA ASN A 250 10.44 10.25 22.90
C ASN A 250 11.14 11.09 23.96
N GLU A 251 10.86 10.86 25.24
CA GLU A 251 11.55 11.73 26.20
C GLU A 251 13.05 11.54 26.14
N GLU A 252 13.49 10.31 25.86
CA GLU A 252 14.93 10.01 25.74
C GLU A 252 15.53 10.79 24.62
N ARG A 253 14.81 10.74 23.50
CA ARG A 253 15.23 11.43 22.28
C ARG A 253 15.45 12.88 22.69
N ARG A 254 14.48 13.43 23.42
CA ARG A 254 14.53 14.82 23.92
C ARG A 254 15.76 15.10 24.76
N LYS A 255 16.10 14.12 25.59
CA LYS A 255 17.29 14.14 26.45
C LYS A 255 18.55 14.19 25.57
N ILE A 256 18.63 13.31 24.58
CA ILE A 256 19.79 13.39 23.69
C ILE A 256 19.99 14.79 23.06
N ALA A 257 18.93 15.35 22.51
CA ALA A 257 19.01 16.60 21.79
C ALA A 257 19.40 17.73 22.71
N GLN A 258 18.88 17.68 23.93
CA GLN A 258 19.16 18.74 24.88
C GLN A 258 20.67 18.78 24.98
N LYS A 259 21.20 17.57 25.13
CA LYS A 259 22.65 17.28 25.24
C LYS A 259 23.34 17.78 23.96
N TYR A 260 22.72 17.56 22.81
CA TYR A 260 23.37 18.08 21.61
C TYR A 260 23.31 19.58 21.73
N ILE A 261 22.12 20.06 22.06
CA ILE A 261 21.93 21.49 22.12
C ILE A 261 22.84 22.23 23.11
N ALA A 262 23.23 21.60 24.19
CA ALA A 262 24.11 22.31 25.11
C ALA A 262 25.57 22.28 24.70
N GLY A 263 25.92 21.10 24.20
CA GLY A 263 27.28 20.78 23.81
C GLY A 263 27.95 21.35 22.60
N ILE A 264 27.22 21.41 21.48
CA ILE A 264 27.82 21.92 20.27
C ILE A 264 28.09 23.41 20.31
N ASN A 265 29.37 23.70 20.07
CA ASN A 265 29.94 25.03 20.04
C ASN A 265 30.93 25.18 18.88
N ASN A 266 30.33 25.31 17.71
CA ASN A 266 31.09 25.47 16.48
C ASN A 266 30.32 26.58 15.78
N PRO A 267 31.03 27.64 15.40
CA PRO A 267 30.54 28.84 14.72
C PRO A 267 29.93 28.73 13.33
N ASN A 268 30.27 27.64 12.65
CA ASN A 268 29.79 27.42 11.30
C ASN A 268 28.45 26.76 11.16
N VAL A 269 28.08 26.04 12.22
CA VAL A 269 26.84 25.29 12.33
C VAL A 269 25.70 25.98 13.05
N ILE A 270 24.49 25.91 12.49
CA ILE A 270 23.40 26.47 13.26
C ILE A 270 22.70 25.21 13.80
N ILE A 271 22.47 25.16 15.09
CA ILE A 271 21.78 23.99 15.57
C ILE A 271 20.33 24.37 15.47
N PRO A 272 19.51 23.32 15.60
CA PRO A 272 18.05 23.34 15.54
C PRO A 272 17.40 23.91 16.78
N VAL A 273 16.30 24.62 16.60
CA VAL A 273 15.63 25.15 17.78
C VAL A 273 14.15 24.80 18.06
N GLU A 274 13.89 24.29 19.26
CA GLU A 274 12.53 23.95 19.64
C GLU A 274 11.64 25.16 19.84
N ALA A 275 10.70 25.30 18.92
CA ALA A 275 9.70 26.35 18.94
C ALA A 275 9.15 26.48 20.35
N ASP A 276 8.80 27.72 20.68
CA ASP A 276 8.30 28.00 22.00
C ASP A 276 7.04 27.26 22.36
N TYR A 277 6.12 27.16 21.39
CA TYR A 277 4.83 26.48 21.53
C TYR A 277 4.96 24.97 21.33
N ALA A 278 6.16 24.56 21.01
CA ALA A 278 6.42 23.16 20.72
C ALA A 278 7.07 22.23 21.75
N LYS A 279 6.66 20.97 21.71
CA LYS A 279 7.30 19.92 22.49
C LYS A 279 7.76 19.04 21.33
N HIS A 280 8.99 19.29 20.85
CA HIS A 280 9.69 18.59 19.77
C HIS A 280 9.94 17.14 20.21
N VAL A 281 9.80 16.26 19.24
CA VAL A 281 10.04 14.83 19.43
C VAL A 281 11.33 14.42 18.73
N TRP A 282 11.96 15.41 18.09
CA TRP A 282 13.22 15.17 17.40
C TRP A 282 13.26 13.93 16.50
N TYR A 283 12.36 13.85 15.53
CA TYR A 283 12.38 12.71 14.62
C TYR A 283 13.80 12.85 14.07
N THR A 284 14.20 14.08 13.79
CA THR A 284 15.53 14.30 13.29
C THR A 284 16.10 15.50 14.00
N PHE A 285 17.42 15.47 14.11
CA PHE A 285 18.21 16.53 14.73
C PHE A 285 19.01 17.21 13.61
N VAL A 286 18.49 18.32 13.09
CA VAL A 286 19.19 18.94 11.98
C VAL A 286 20.04 20.16 12.27
N ILE A 287 21.13 20.26 11.54
CA ILE A 287 21.98 21.41 11.67
C ILE A 287 22.20 21.87 10.25
N ARG A 288 22.59 23.13 10.20
CA ARG A 288 22.81 23.78 8.95
C ARG A 288 24.22 24.38 9.04
N SER A 289 24.88 24.42 7.89
CA SER A 289 26.23 24.97 7.82
C SER A 289 26.44 25.23 6.33
N GLU A 290 27.32 26.19 6.04
CA GLU A 290 27.68 26.63 4.69
C GLU A 290 28.32 25.57 3.78
N LYS A 291 29.35 24.86 4.26
CA LYS A 291 30.03 23.78 3.55
C LYS A 291 29.49 22.47 4.13
N ARG A 292 28.27 22.16 3.74
CA ARG A 292 27.62 20.98 4.29
C ARG A 292 28.24 19.68 3.83
N ASP A 293 28.59 19.64 2.56
CA ASP A 293 29.12 18.38 2.11
C ASP A 293 30.40 18.10 2.84
N GLU A 294 31.11 19.19 3.04
CA GLU A 294 32.41 19.07 3.69
C GLU A 294 32.14 18.53 5.07
N LEU A 295 31.31 19.24 5.81
CA LEU A 295 31.02 18.74 7.13
C LEU A 295 30.59 17.28 7.04
N GLN A 296 29.66 17.00 6.14
CA GLN A 296 29.18 15.64 6.01
C GLN A 296 30.24 14.57 5.81
N LYS A 297 31.18 14.88 4.93
CA LYS A 297 32.27 13.97 4.62
C LYS A 297 33.20 13.81 5.84
N TYR A 298 33.51 14.93 6.48
CA TYR A 298 34.34 14.93 7.66
C TYR A 298 33.71 13.97 8.65
N LEU A 299 32.42 14.17 8.89
CA LEU A 299 31.71 13.36 9.87
C LEU A 299 31.73 11.92 9.46
N ASN A 300 31.32 11.66 8.24
CA ASN A 300 31.40 10.26 7.86
C ASN A 300 32.81 9.67 8.07
N ASN A 301 33.85 10.39 7.65
CA ASN A 301 35.20 9.82 7.80
C ASN A 301 35.42 9.53 9.26
N ASN A 302 34.72 10.27 10.10
CA ASN A 302 34.81 10.03 11.54
C ASN A 302 33.87 8.96 12.12
N GLY A 303 33.35 8.06 11.28
CA GLY A 303 32.48 6.96 11.70
C GLY A 303 31.06 7.41 12.01
N ILE A 304 30.85 8.71 11.86
CA ILE A 304 29.54 9.25 12.13
C ILE A 304 28.63 9.32 10.90
N GLY A 305 27.56 8.56 11.03
CA GLY A 305 26.53 8.46 10.00
C GLY A 305 25.53 9.61 10.04
N THR A 306 25.30 10.16 8.85
CA THR A 306 24.39 11.29 8.67
C THR A 306 23.49 11.02 7.48
N LEU A 307 22.50 11.89 7.28
CA LEU A 307 21.58 11.81 6.15
C LEU A 307 21.18 13.24 6.01
N ILE A 308 20.64 13.59 4.84
CA ILE A 308 20.10 14.94 4.59
C ILE A 308 18.60 14.87 4.25
N HIS A 309 17.84 15.80 4.80
CA HIS A 309 16.39 15.87 4.55
C HIS A 309 16.00 17.31 4.19
N TYR A 310 16.06 17.71 2.92
CA TYR A 310 16.47 16.88 1.80
C TYR A 310 17.29 17.80 0.93
N PRO A 311 18.42 17.26 0.48
CA PRO A 311 19.38 17.94 -0.40
C PRO A 311 18.67 18.45 -1.66
N ILE A 312 17.57 17.82 -2.08
CA ILE A 312 16.85 18.23 -3.28
C ILE A 312 15.38 18.56 -3.14
N PRO A 313 15.06 19.80 -3.51
CA PRO A 313 13.74 20.41 -3.38
C PRO A 313 12.73 19.96 -4.43
N ILE A 314 11.50 19.76 -3.97
CA ILE A 314 10.42 19.24 -4.79
C ILE A 314 10.29 19.94 -6.14
N HIS A 315 10.46 21.26 -6.09
CA HIS A 315 10.27 22.04 -7.28
C HIS A 315 11.43 21.87 -8.27
N LEU A 316 12.52 21.30 -7.74
CA LEU A 316 13.74 21.03 -8.51
C LEU A 316 13.89 19.54 -8.83
N GLN A 317 12.93 18.73 -8.39
CA GLN A 317 13.02 17.33 -8.69
C GLN A 317 12.49 17.24 -10.10
N GLN A 318 13.19 16.43 -10.87
CA GLN A 318 12.83 16.19 -12.23
C GLN A 318 11.33 15.77 -12.25
N ALA A 319 10.82 15.17 -11.19
CA ALA A 319 9.42 14.77 -11.23
C ALA A 319 8.49 15.96 -11.30
N TYR A 320 8.93 17.17 -10.99
CA TYR A 320 8.02 18.31 -10.99
C TYR A 320 8.32 19.42 -11.99
N LYS A 321 9.25 19.13 -12.88
CA LYS A 321 9.67 20.09 -13.89
C LYS A 321 8.53 20.87 -14.56
N ASP A 322 7.53 20.12 -15.03
CA ASP A 322 6.33 20.67 -15.69
C ASP A 322 6.01 22.05 -15.11
N LEU A 323 5.96 22.11 -13.79
CA LEU A 323 5.72 23.36 -13.07
C LEU A 323 6.59 24.49 -13.64
N GLY A 324 7.76 24.08 -14.14
CA GLY A 324 8.73 24.98 -14.71
C GLY A 324 9.42 25.86 -13.69
N PHE A 325 9.60 25.41 -12.45
CA PHE A 325 10.29 26.29 -11.52
C PHE A 325 11.75 25.96 -11.68
N LYS A 326 12.55 26.88 -11.15
CA LYS A 326 14.01 26.86 -11.23
C LYS A 326 14.71 27.49 -10.02
N THR A 327 16.03 27.31 -9.99
CA THR A 327 16.76 27.82 -8.84
C THR A 327 16.49 29.29 -8.65
N GLY A 328 15.91 29.60 -7.51
CA GLY A 328 15.63 31.00 -7.20
C GLY A 328 14.14 31.21 -6.94
N ASN A 329 13.31 30.27 -7.35
CA ASN A 329 11.93 30.55 -7.01
C ASN A 329 11.58 30.28 -5.54
N PHE A 330 12.40 29.51 -4.84
CA PHE A 330 12.13 29.16 -3.44
C PHE A 330 13.46 29.05 -2.72
N PRO A 331 14.22 30.08 -3.02
CA PRO A 331 15.52 30.26 -2.41
C PRO A 331 15.59 29.74 -0.97
N ILE A 332 14.56 30.05 -0.20
CA ILE A 332 14.59 29.60 1.17
C ILE A 332 14.71 28.10 1.34
N ALA A 333 13.80 27.38 0.70
CA ALA A 333 13.80 25.93 0.73
C ALA A 333 15.12 25.54 0.07
N GLU A 334 15.48 26.28 -0.97
CA GLU A 334 16.71 26.10 -1.72
C GLU A 334 17.95 26.14 -0.82
N LYS A 335 18.02 27.24 -0.10
CA LYS A 335 19.11 27.48 0.81
C LYS A 335 19.25 26.32 1.78
N ILE A 336 18.14 26.02 2.42
CA ILE A 336 18.03 24.95 3.41
C ILE A 336 18.52 23.62 2.89
N ALA A 337 17.97 23.31 1.74
CA ALA A 337 18.34 22.06 1.09
C ALA A 337 19.84 22.02 0.90
N ASN A 338 20.46 23.19 0.80
CA ASN A 338 21.87 23.25 0.48
C ASN A 338 22.74 23.25 1.71
N GLU A 339 22.18 23.63 2.85
CA GLU A 339 23.05 23.70 4.03
C GLU A 339 22.72 22.71 5.12
N ILE A 340 21.58 22.05 4.93
CA ILE A 340 21.03 21.12 5.91
C ILE A 340 21.59 19.74 6.29
N LEU A 341 21.67 19.35 7.56
CA LEU A 341 22.14 18.01 7.69
C LEU A 341 21.65 17.36 8.95
N SER A 342 21.36 16.07 8.87
CA SER A 342 20.85 15.33 10.02
C SER A 342 21.82 14.39 10.72
N ILE A 343 22.04 14.66 12.00
CA ILE A 343 22.95 13.87 12.82
C ILE A 343 22.24 12.81 13.67
N PRO A 344 22.95 11.76 14.06
CA PRO A 344 22.38 10.67 14.82
C PRO A 344 21.68 11.05 16.08
N ILE A 345 20.59 10.35 16.29
CA ILE A 345 19.86 10.63 17.51
C ILE A 345 18.86 9.51 17.49
N TRP A 346 19.28 8.40 18.04
CA TRP A 346 18.43 7.23 18.14
C TRP A 346 18.30 6.85 19.58
N TYR A 347 17.19 6.21 19.90
CA TYR A 347 17.00 5.81 21.29
C TYR A 347 18.02 4.73 21.66
N GLY A 348 18.73 4.90 22.77
CA GLY A 348 19.72 3.91 23.15
C GLY A 348 21.16 4.42 22.97
N MET A 349 21.27 5.55 22.29
CA MET A 349 22.55 6.17 22.04
C MET A 349 23.17 6.44 23.39
N LYS A 350 24.48 6.27 23.51
CA LYS A 350 25.10 6.52 24.79
C LYS A 350 25.94 7.78 24.89
N ASN A 351 26.01 8.33 26.09
CA ASN A 351 26.82 9.53 26.26
C ASN A 351 28.12 9.54 25.51
N GLU A 352 28.88 8.45 25.63
CA GLU A 352 30.17 8.29 24.92
C GLU A 352 29.94 8.58 23.42
N GLU A 353 29.00 7.86 22.82
CA GLU A 353 28.61 8.03 21.43
C GLU A 353 28.19 9.47 21.15
N ILE A 354 27.31 9.98 22.01
CA ILE A 354 26.81 11.35 21.95
C ILE A 354 27.87 12.43 22.10
N GLU A 355 28.65 12.28 23.18
CA GLU A 355 29.72 13.23 23.40
C GLU A 355 30.54 13.22 22.12
N TYR A 356 31.00 12.02 21.76
CA TYR A 356 31.76 11.77 20.54
C TYR A 356 31.38 12.60 19.30
N VAL A 357 30.09 12.64 18.97
CA VAL A 357 29.56 13.40 17.82
C VAL A 357 29.76 14.89 18.11
N ILE A 358 29.36 15.32 19.30
CA ILE A 358 29.50 16.73 19.65
C ILE A 358 30.93 17.17 19.45
N ASP A 359 31.79 16.39 20.07
CA ASP A 359 33.23 16.58 19.95
C ASP A 359 33.73 16.69 18.49
N LYS A 360 33.42 15.72 17.64
CA LYS A 360 33.88 15.84 16.26
C LYS A 360 33.18 17.03 15.58
N ILE A 361 31.96 17.29 15.99
CA ILE A 361 31.34 18.42 15.31
C ILE A 361 32.16 19.64 15.69
N ASN A 362 32.27 19.88 16.98
CA ASN A 362 33.01 21.06 17.48
C ASN A 362 34.42 21.19 16.93
N ALA A 363 35.04 20.05 16.66
CA ALA A 363 36.37 20.07 16.08
C ALA A 363 36.39 20.26 14.56
N TRP A 364 35.23 20.40 13.93
CA TRP A 364 35.19 20.62 12.50
C TRP A 364 35.81 21.96 12.08
N LYS A 365 36.94 21.89 11.37
CA LYS A 365 37.63 23.09 10.89
C LYS A 365 38.02 24.09 11.99
N MET B 1 -21.50 -31.81 10.13
CA MET B 1 -20.18 -31.28 10.42
C MET B 1 -19.90 -29.87 9.92
N LYS B 2 -18.83 -29.23 10.40
CA LYS B 2 -18.58 -27.86 9.97
C LYS B 2 -17.47 -27.65 8.96
N ILE B 3 -17.86 -27.08 7.82
CA ILE B 3 -16.84 -26.83 6.79
C ILE B 3 -16.69 -25.38 6.48
N SER B 4 -15.48 -24.88 6.79
CA SER B 4 -15.06 -23.50 6.57
C SER B 4 -14.83 -23.27 5.08
N PHE B 5 -15.34 -22.14 4.61
CA PHE B 5 -15.17 -21.86 3.20
C PHE B 5 -13.70 -21.98 2.91
N ALA B 6 -12.91 -21.35 3.78
CA ALA B 6 -11.47 -21.46 3.68
C ALA B 6 -10.94 -21.94 5.01
N SER B 7 -9.61 -21.98 5.11
CA SER B 7 -8.95 -22.41 6.34
C SER B 7 -7.45 -22.52 6.11
N PHE B 8 -6.70 -21.64 6.77
CA PHE B 8 -5.26 -21.61 6.61
C PHE B 8 -4.55 -22.58 7.55
N LYS B 9 -5.27 -23.15 8.53
CA LYS B 9 -4.54 -23.99 9.48
C LYS B 9 -3.57 -24.96 8.88
N PRO B 10 -4.09 -26.02 8.27
CA PRO B 10 -3.24 -27.03 7.63
C PRO B 10 -1.92 -26.50 7.07
N MET B 11 -2.02 -25.53 6.20
CA MET B 11 -0.78 -25.07 5.65
C MET B 11 0.07 -24.39 6.69
N HIS B 12 -0.56 -23.48 7.42
CA HIS B 12 0.16 -22.70 8.42
C HIS B 12 0.75 -23.53 9.55
N ASP B 13 0.11 -24.66 9.83
CA ASP B 13 0.55 -25.55 10.90
C ASP B 13 1.83 -26.01 10.21
N GLU B 14 1.60 -26.51 9.02
CA GLU B 14 2.63 -27.03 8.19
C GLU B 14 3.92 -26.20 8.19
N ILE B 15 3.85 -24.90 7.93
CA ILE B 15 5.03 -24.03 7.90
C ILE B 15 5.26 -23.13 9.13
N GLU B 16 4.33 -23.20 10.06
CA GLU B 16 4.48 -22.38 11.24
C GLU B 16 5.92 -22.10 11.71
N TYR B 17 6.71 -23.13 11.91
CA TYR B 17 8.01 -22.85 12.48
C TYR B 17 8.98 -22.20 11.52
N GLU B 18 8.99 -22.65 10.27
CA GLU B 18 9.94 -22.03 9.37
C GLU B 18 9.57 -20.59 9.08
N ILE B 19 8.28 -20.31 9.24
CA ILE B 19 7.75 -18.96 9.06
C ILE B 19 8.35 -18.10 10.15
N LYS B 20 8.05 -18.56 11.36
CA LYS B 20 8.50 -17.92 12.59
C LYS B 20 10.01 -17.66 12.63
N PHE B 21 10.78 -18.53 11.99
CA PHE B 21 12.22 -18.35 12.01
C PHE B 21 12.55 -17.29 10.98
N LYS B 22 11.66 -17.17 10.01
CA LYS B 22 11.90 -16.17 9.00
C LYS B 22 11.65 -14.80 9.68
N PHE B 23 10.54 -14.72 10.43
CA PHE B 23 10.16 -13.50 11.15
C PHE B 23 11.29 -13.09 12.09
N GLU B 24 11.64 -14.07 12.91
CA GLU B 24 12.67 -13.88 13.90
C GLU B 24 13.95 -13.37 13.24
N GLU B 25 14.32 -13.98 12.14
CA GLU B 25 15.54 -13.66 11.41
C GLU B 25 15.57 -12.23 10.85
N ILE B 26 14.38 -11.80 10.41
CA ILE B 26 14.23 -10.47 9.81
C ILE B 26 14.28 -9.41 10.88
N TYR B 27 13.46 -9.58 11.92
CA TYR B 27 13.45 -8.62 13.05
C TYR B 27 14.86 -8.35 13.60
N LYS B 28 15.59 -9.44 13.74
CA LYS B 28 16.96 -9.40 14.25
C LYS B 28 17.83 -8.59 13.33
N ARG B 29 17.48 -8.64 12.06
CA ARG B 29 18.25 -7.92 11.08
C ARG B 29 17.70 -6.50 11.04
N ASN B 30 16.60 -6.22 11.73
CA ASN B 30 16.09 -4.84 11.67
C ASN B 30 16.20 -4.14 10.31
N TRP B 31 15.97 -4.84 9.22
CA TRP B 31 15.96 -4.17 7.93
C TRP B 31 14.61 -4.59 7.38
N PHE B 32 13.73 -3.60 7.27
CA PHE B 32 12.35 -3.86 6.93
C PHE B 32 11.76 -3.43 5.62
N ILE B 33 12.42 -2.51 4.91
CA ILE B 33 11.90 -2.02 3.63
C ILE B 33 12.94 -2.12 2.51
N LEU B 34 12.57 -2.74 1.39
CA LEU B 34 13.47 -2.87 0.24
C LEU B 34 14.82 -3.53 0.60
N GLY B 35 14.75 -4.72 1.14
CA GLY B 35 15.93 -5.45 1.53
C GLY B 35 16.18 -6.75 0.80
N ASP B 36 16.96 -7.65 1.40
CA ASP B 36 17.37 -8.89 0.73
CA ASP B 36 17.31 -8.83 0.63
C ASP B 36 16.21 -9.87 0.47
N GLU B 37 15.09 -9.89 1.31
CA GLU B 37 14.02 -10.82 1.04
C GLU B 37 13.28 -10.31 -0.18
N ASP B 38 13.16 -9.00 -0.23
CA ASP B 38 12.48 -8.39 -1.35
C ASP B 38 13.21 -8.84 -2.59
N LYS B 39 14.52 -8.60 -2.59
CA LYS B 39 15.40 -8.97 -3.69
C LYS B 39 15.36 -10.46 -4.06
N LYS B 40 15.50 -11.31 -3.06
CA LYS B 40 15.48 -12.73 -3.33
C LYS B 40 14.11 -13.15 -3.83
N PHE B 41 13.07 -12.83 -3.07
CA PHE B 41 11.77 -13.22 -3.55
C PHE B 41 11.53 -12.76 -4.99
N GLU B 42 11.95 -11.55 -5.31
CA GLU B 42 11.66 -11.02 -6.66
C GLU B 42 12.25 -11.95 -7.70
N GLN B 43 13.53 -12.25 -7.49
CA GLN B 43 14.29 -13.14 -8.34
C GLN B 43 13.56 -14.49 -8.41
N GLU B 44 13.32 -15.12 -7.26
CA GLU B 44 12.66 -16.43 -7.15
C GLU B 44 11.38 -16.51 -7.92
N PHE B 45 10.54 -15.50 -7.71
CA PHE B 45 9.23 -15.38 -8.36
C PHE B 45 9.28 -15.20 -9.88
N ALA B 46 10.15 -14.30 -10.32
CA ALA B 46 10.26 -14.08 -11.76
C ALA B 46 10.64 -15.44 -12.33
N ASP B 47 11.55 -16.09 -11.66
CA ASP B 47 11.95 -17.36 -12.21
C ASP B 47 10.81 -18.35 -12.29
N TYR B 48 9.94 -18.29 -11.30
CA TYR B 48 8.82 -19.20 -11.22
C TYR B 48 7.82 -18.84 -12.28
N CYS B 49 7.70 -17.57 -12.63
CA CYS B 49 6.77 -17.19 -13.69
C CYS B 49 7.59 -17.18 -14.96
N ASN B 50 8.83 -17.65 -14.82
CA ASN B 50 9.72 -17.65 -15.96
C ASN B 50 9.75 -16.42 -16.87
N VAL B 51 9.93 -15.25 -16.25
CA VAL B 51 10.10 -13.96 -16.93
C VAL B 51 11.38 -13.42 -16.35
N ASN B 52 11.84 -12.27 -16.85
CA ASN B 52 13.10 -11.68 -16.44
C ASN B 52 13.08 -10.89 -15.17
N TYR B 53 11.96 -10.20 -14.98
CA TYR B 53 11.87 -9.31 -13.86
C TYR B 53 10.57 -9.43 -13.08
N CYS B 54 10.66 -9.14 -11.79
CA CYS B 54 9.54 -9.16 -10.85
C CYS B 54 9.71 -7.87 -10.02
N ILE B 55 8.63 -7.14 -9.79
CA ILE B 55 8.71 -5.93 -8.98
C ILE B 55 7.61 -6.08 -7.96
N GLY B 56 8.07 -6.21 -6.71
CA GLY B 56 7.20 -6.36 -5.55
C GLY B 56 6.45 -5.09 -5.26
N CYS B 57 5.25 -5.23 -4.74
CA CYS B 57 4.44 -4.07 -4.46
C CYS B 57 3.37 -4.35 -3.40
N GLY B 58 2.54 -3.34 -3.17
CA GLY B 58 1.51 -3.36 -2.15
C GLY B 58 0.33 -4.30 -2.21
N ASN B 59 -0.20 -4.53 -3.39
CA ASN B 59 -1.33 -5.41 -3.52
C ASN B 59 -1.53 -5.56 -5.01
N GLY B 60 -2.40 -6.48 -5.34
CA GLY B 60 -2.67 -6.79 -6.73
C GLY B 60 -3.35 -5.64 -7.46
N LEU B 61 -4.03 -4.78 -6.71
CA LEU B 61 -4.68 -3.67 -7.38
C LEU B 61 -3.62 -2.65 -7.82
N ASP B 62 -2.63 -2.48 -6.95
CA ASP B 62 -1.55 -1.53 -7.20
C ASP B 62 -0.73 -2.06 -8.36
N ALA B 63 -0.57 -3.38 -8.33
CA ALA B 63 0.23 -4.02 -9.35
C ALA B 63 -0.29 -3.68 -10.74
N LEU B 64 -1.60 -3.83 -10.95
CA LEU B 64 -2.20 -3.47 -12.25
C LEU B 64 -1.94 -1.98 -12.53
N HIS B 65 -2.41 -1.18 -11.59
CA HIS B 65 -2.27 0.25 -11.70
C HIS B 65 -0.84 0.59 -12.07
N LEU B 66 0.07 -0.04 -11.36
CA LEU B 66 1.46 0.21 -11.68
C LEU B 66 1.76 -0.19 -13.12
N ILE B 67 1.27 -1.31 -13.60
CA ILE B 67 1.63 -1.61 -14.98
C ILE B 67 1.20 -0.53 -15.93
N LEU B 68 -0.05 -0.16 -15.81
CA LEU B 68 -0.58 0.87 -16.67
C LEU B 68 0.21 2.13 -16.53
N LYS B 69 0.31 2.60 -15.30
CA LYS B 69 1.02 3.86 -15.11
C LYS B 69 2.40 3.79 -15.79
N GLY B 70 3.03 2.63 -15.61
CA GLY B 70 4.35 2.42 -16.21
C GLY B 70 4.22 2.56 -17.72
N TYR B 71 3.09 2.17 -18.29
CA TYR B 71 2.79 2.26 -19.74
C TYR B 71 2.16 3.61 -20.17
N ASP B 72 2.28 4.62 -19.32
CA ASP B 72 1.71 5.97 -19.52
C ASP B 72 0.20 6.06 -19.49
N ILE B 73 -0.46 4.92 -19.67
CA ILE B 73 -1.92 4.81 -19.64
C ILE B 73 -2.61 5.66 -18.56
N GLY B 74 -3.75 6.22 -18.89
CA GLY B 74 -4.43 7.06 -17.93
C GLY B 74 -5.53 7.80 -18.68
N PHE B 75 -5.53 9.12 -18.61
CA PHE B 75 -6.56 9.91 -19.25
C PHE B 75 -6.72 9.85 -20.77
N GLY B 76 -7.98 9.81 -21.22
CA GLY B 76 -8.27 9.76 -22.65
C GLY B 76 -7.89 8.38 -23.13
N ASP B 77 -7.68 7.48 -22.18
CA ASP B 77 -7.32 6.12 -22.52
C ASP B 77 -8.44 5.16 -22.17
N GLU B 78 -8.46 4.06 -22.91
CA GLU B 78 -9.43 3.01 -22.71
C GLU B 78 -8.63 1.72 -22.48
N VAL B 79 -9.04 0.92 -21.49
CA VAL B 79 -8.47 -0.39 -21.18
C VAL B 79 -9.63 -1.35 -21.17
N ILE B 80 -9.46 -2.47 -21.85
CA ILE B 80 -10.52 -3.45 -21.89
C ILE B 80 -10.33 -4.40 -20.75
N VAL B 81 -11.45 -4.96 -20.24
CA VAL B 81 -11.48 -5.89 -19.08
C VAL B 81 -12.78 -6.77 -19.00
N PRO B 82 -12.71 -7.98 -18.45
CA PRO B 82 -13.91 -8.84 -18.37
C PRO B 82 -14.99 -8.09 -17.66
N SER B 83 -16.21 -8.28 -18.10
CA SER B 83 -17.30 -7.62 -17.43
C SER B 83 -17.61 -8.30 -16.09
N ASN B 84 -17.04 -9.48 -15.85
CA ASN B 84 -17.31 -10.24 -14.62
C ASN B 84 -16.18 -10.45 -13.61
N THR B 85 -15.11 -9.69 -13.77
CA THR B 85 -13.95 -9.78 -12.91
C THR B 85 -14.17 -9.06 -11.60
N PHE B 86 -13.15 -9.12 -10.77
CA PHE B 86 -13.15 -8.46 -9.49
C PHE B 86 -13.03 -6.97 -9.78
N ILE B 87 -13.79 -6.20 -9.03
CA ILE B 87 -13.81 -4.75 -9.21
C ILE B 87 -12.46 -4.11 -9.22
N ALA B 88 -11.58 -4.72 -8.46
CA ALA B 88 -10.24 -4.17 -8.40
C ALA B 88 -9.68 -4.04 -9.78
N THR B 89 -9.92 -5.00 -10.67
CA THR B 89 -9.35 -4.84 -11.98
C THR B 89 -9.74 -3.46 -12.54
N ALA B 90 -11.00 -3.08 -12.35
CA ALA B 90 -11.46 -1.79 -12.89
C ALA B 90 -10.97 -0.55 -12.12
N LEU B 91 -10.83 -0.67 -10.80
CA LEU B 91 -10.44 0.46 -9.96
C LEU B 91 -9.07 0.95 -10.44
N ALA B 92 -8.23 -0.04 -10.76
CA ALA B 92 -6.88 0.23 -11.21
C ALA B 92 -6.88 1.09 -12.45
N VAL B 93 -7.74 0.74 -13.40
CA VAL B 93 -7.82 1.49 -14.65
C VAL B 93 -8.19 2.91 -14.32
N SER B 94 -9.16 2.93 -13.43
CA SER B 94 -9.71 4.20 -13.04
C SER B 94 -8.74 5.06 -12.28
N TYR B 95 -7.95 4.46 -11.38
CA TYR B 95 -7.03 5.28 -10.61
C TYR B 95 -6.16 5.99 -11.61
N THR B 96 -5.96 5.42 -12.80
CA THR B 96 -5.05 6.08 -13.75
C THR B 96 -5.57 7.21 -14.56
N GLY B 97 -6.88 7.38 -14.42
CA GLY B 97 -7.65 8.39 -15.14
C GLY B 97 -8.08 7.80 -16.48
N ALA B 98 -7.95 6.48 -16.57
CA ALA B 98 -8.32 5.81 -17.79
C ALA B 98 -9.75 5.35 -17.60
N LYS B 99 -10.33 4.87 -18.69
CA LYS B 99 -11.70 4.37 -18.67
C LYS B 99 -11.78 2.93 -19.05
N PRO B 100 -12.32 2.17 -18.12
CA PRO B 100 -12.51 0.72 -18.29
C PRO B 100 -13.60 0.43 -19.29
N ILE B 101 -13.30 -0.51 -20.17
CA ILE B 101 -14.25 -0.96 -21.19
C ILE B 101 -14.45 -2.46 -20.91
N PHE B 102 -15.68 -2.84 -20.63
CA PHE B 102 -15.93 -4.24 -20.26
C PHE B 102 -16.25 -5.14 -21.44
N VAL B 103 -15.76 -6.38 -21.40
CA VAL B 103 -15.98 -7.40 -22.42
C VAL B 103 -16.52 -8.67 -21.78
N GLU B 104 -17.63 -9.17 -22.30
CA GLU B 104 -18.20 -10.38 -21.70
C GLU B 104 -17.24 -11.56 -21.67
N PRO B 105 -17.43 -12.51 -20.77
CA PRO B 105 -16.55 -13.68 -20.72
C PRO B 105 -17.21 -14.89 -21.37
N ASP B 106 -16.44 -15.95 -21.55
CA ASP B 106 -17.02 -17.14 -22.12
C ASP B 106 -17.60 -17.86 -20.93
N ILE B 107 -18.92 -17.90 -20.84
CA ILE B 107 -19.48 -18.63 -19.72
C ILE B 107 -18.85 -20.00 -19.51
N ARG B 108 -18.32 -20.60 -20.57
CA ARG B 108 -17.74 -21.92 -20.45
C ARG B 108 -16.57 -21.91 -19.52
N THR B 109 -15.88 -20.78 -19.58
CA THR B 109 -14.68 -20.64 -18.80
C THR B 109 -14.71 -19.45 -17.88
N TYR B 110 -15.82 -18.70 -17.88
CA TYR B 110 -15.92 -17.48 -17.07
C TYR B 110 -14.72 -16.55 -17.35
N ASN B 111 -14.14 -16.61 -18.55
CA ASN B 111 -12.97 -15.77 -18.84
C ASN B 111 -13.28 -14.93 -20.06
N ILE B 112 -12.69 -13.75 -20.19
CA ILE B 112 -12.94 -12.83 -21.30
C ILE B 112 -13.01 -13.47 -22.67
N ASP B 113 -14.10 -13.21 -23.39
CA ASP B 113 -14.34 -13.79 -24.72
C ASP B 113 -13.60 -13.03 -25.82
N PRO B 114 -12.54 -13.66 -26.32
CA PRO B 114 -11.66 -13.08 -27.34
C PRO B 114 -12.34 -12.63 -28.60
N SER B 115 -13.33 -13.46 -28.98
CA SER B 115 -14.16 -13.24 -30.19
C SER B 115 -14.72 -11.85 -29.98
N LEU B 116 -15.09 -11.65 -28.72
CA LEU B 116 -15.70 -10.40 -28.30
C LEU B 116 -14.76 -9.22 -28.08
N ILE B 117 -13.47 -9.49 -28.14
CA ILE B 117 -12.58 -8.38 -27.90
C ILE B 117 -12.55 -7.28 -28.95
N GLU B 118 -12.40 -7.68 -30.20
CA GLU B 118 -12.31 -6.68 -31.25
C GLU B 118 -13.38 -5.59 -31.35
N SER B 119 -14.62 -5.90 -31.01
CA SER B 119 -15.70 -4.95 -31.17
C SER B 119 -15.73 -3.82 -30.18
N ALA B 120 -14.70 -3.76 -29.34
CA ALA B 120 -14.65 -2.74 -28.32
C ALA B 120 -13.46 -1.84 -28.51
N ILE B 121 -12.63 -2.22 -29.47
CA ILE B 121 -11.48 -1.39 -29.69
C ILE B 121 -12.00 -0.08 -30.24
N THR B 122 -11.38 0.96 -29.71
CA THR B 122 -11.64 2.32 -30.07
C THR B 122 -10.22 2.76 -30.25
N GLU B 123 -10.05 3.97 -30.76
CA GLU B 123 -8.72 4.47 -31.00
C GLU B 123 -8.09 5.03 -29.72
N LYS B 124 -8.78 4.81 -28.61
CA LYS B 124 -8.34 5.30 -27.31
C LYS B 124 -7.84 4.14 -26.52
N THR B 125 -8.10 2.97 -27.09
CA THR B 125 -7.78 1.72 -26.44
C THR B 125 -6.31 1.45 -26.45
N LYS B 126 -5.79 1.17 -25.27
CA LYS B 126 -4.37 0.90 -25.14
C LYS B 126 -3.94 -0.47 -24.65
N ALA B 127 -4.79 -1.09 -23.83
CA ALA B 127 -4.51 -2.41 -23.31
C ALA B 127 -5.76 -3.19 -23.03
N ILE B 128 -5.54 -4.47 -22.81
CA ILE B 128 -6.69 -5.28 -22.54
C ILE B 128 -6.20 -5.92 -21.29
N ILE B 129 -7.10 -6.13 -20.33
CA ILE B 129 -6.64 -6.78 -19.13
C ILE B 129 -7.34 -8.11 -19.18
N ALA B 130 -6.59 -9.18 -19.40
CA ALA B 130 -7.16 -10.51 -19.46
C ALA B 130 -7.01 -10.99 -18.03
N VAL B 131 -8.09 -11.50 -17.46
CA VAL B 131 -8.08 -12.02 -16.09
C VAL B 131 -8.15 -13.53 -16.16
N HIS B 132 -7.35 -14.16 -15.30
CA HIS B 132 -7.28 -15.63 -15.23
C HIS B 132 -8.09 -15.95 -13.99
N LEU B 133 -9.40 -15.96 -14.15
CA LEU B 133 -10.25 -16.16 -13.01
C LEU B 133 -10.30 -17.53 -12.36
N TYR B 134 -10.49 -17.47 -11.05
CA TYR B 134 -10.69 -18.65 -10.21
C TYR B 134 -9.63 -19.69 -10.24
N GLY B 135 -8.56 -19.43 -10.99
CA GLY B 135 -7.50 -20.44 -11.02
C GLY B 135 -7.04 -20.95 -12.38
N GLN B 136 -7.58 -20.41 -13.47
CA GLN B 136 -7.19 -20.79 -14.83
C GLN B 136 -7.22 -19.63 -15.78
N PRO B 137 -6.34 -19.75 -16.76
CA PRO B 137 -6.10 -18.81 -17.87
C PRO B 137 -7.25 -18.37 -18.76
N ALA B 138 -7.18 -17.13 -19.23
CA ALA B 138 -8.16 -16.74 -20.23
C ALA B 138 -7.44 -17.47 -21.37
N ASP B 139 -7.99 -17.44 -22.57
CA ASP B 139 -7.31 -18.15 -23.64
C ASP B 139 -6.39 -17.12 -24.23
N MET B 140 -5.13 -17.11 -23.84
CA MET B 140 -4.31 -16.02 -24.36
C MET B 140 -4.01 -15.87 -25.83
N ASP B 141 -3.80 -17.01 -26.48
CA ASP B 141 -3.45 -17.11 -27.88
C ASP B 141 -4.13 -16.23 -28.88
N GLU B 142 -5.47 -16.25 -28.91
CA GLU B 142 -6.10 -15.35 -29.86
C GLU B 142 -5.94 -13.94 -29.30
N ILE B 143 -6.05 -13.83 -27.98
CA ILE B 143 -5.93 -12.50 -27.43
C ILE B 143 -4.66 -11.76 -27.84
N LYS B 144 -3.51 -12.43 -27.85
CA LYS B 144 -2.26 -11.76 -28.22
C LYS B 144 -2.51 -11.40 -29.67
N ARG B 145 -3.03 -12.37 -30.39
CA ARG B 145 -3.34 -12.19 -31.80
C ARG B 145 -3.98 -10.80 -31.93
N ILE B 146 -5.12 -10.67 -31.26
CA ILE B 146 -5.87 -9.43 -31.29
C ILE B 146 -4.99 -8.23 -30.85
N ALA B 147 -4.48 -8.29 -29.63
CA ALA B 147 -3.66 -7.22 -29.07
C ALA B 147 -2.64 -6.73 -30.06
N LYS B 148 -1.92 -7.70 -30.63
CA LYS B 148 -0.87 -7.37 -31.58
C LYS B 148 -1.57 -6.72 -32.75
N LYS B 149 -2.65 -7.33 -33.21
CA LYS B 149 -3.30 -6.72 -34.34
C LYS B 149 -3.41 -5.25 -34.02
N TYR B 150 -3.95 -4.87 -32.85
CA TYR B 150 -4.08 -3.43 -32.61
C TYR B 150 -2.99 -2.64 -31.88
N ASN B 151 -1.78 -3.18 -31.80
CA ASN B 151 -0.70 -2.50 -31.06
C ASN B 151 -1.08 -2.25 -29.60
N LEU B 152 -1.75 -3.23 -29.04
CA LEU B 152 -2.14 -3.08 -27.65
C LEU B 152 -1.27 -3.77 -26.62
N LYS B 153 -1.28 -3.17 -25.43
CA LYS B 153 -0.53 -3.79 -24.35
C LYS B 153 -1.44 -4.88 -23.82
N LEU B 154 -0.88 -6.08 -23.77
CA LEU B 154 -1.58 -7.24 -23.23
C LEU B 154 -1.06 -7.38 -21.80
N ILE B 155 -1.99 -7.31 -20.85
CA ILE B 155 -1.68 -7.43 -19.43
C ILE B 155 -2.48 -8.57 -18.81
N GLU B 156 -1.82 -9.49 -18.12
CA GLU B 156 -2.55 -10.56 -17.45
C GLU B 156 -2.90 -10.10 -16.05
N ASP B 157 -4.07 -10.44 -15.52
CA ASP B 157 -4.44 -10.15 -14.12
C ASP B 157 -4.40 -11.57 -13.54
N ALA B 158 -3.23 -11.90 -13.02
CA ALA B 158 -2.95 -13.20 -12.46
C ALA B 158 -3.10 -13.36 -10.95
N ALA B 159 -3.81 -12.43 -10.32
CA ALA B 159 -4.07 -12.44 -8.87
C ALA B 159 -4.71 -13.71 -8.30
N GLN B 160 -5.54 -14.37 -9.10
CA GLN B 160 -6.23 -15.60 -8.73
C GLN B 160 -5.57 -16.84 -9.30
N ALA B 161 -4.50 -16.64 -10.07
CA ALA B 161 -3.85 -17.74 -10.76
C ALA B 161 -2.42 -18.27 -10.48
N HIS B 162 -1.89 -17.96 -9.30
CA HIS B 162 -0.57 -18.44 -8.97
C HIS B 162 -0.21 -19.82 -9.48
N GLY B 163 0.68 -19.90 -10.46
CA GLY B 163 1.06 -21.23 -10.92
C GLY B 163 0.14 -22.03 -11.83
N SER B 164 -0.95 -21.45 -12.31
CA SER B 164 -1.81 -22.14 -13.25
C SER B 164 -0.97 -22.16 -14.55
N LEU B 165 -1.20 -23.12 -15.44
CA LEU B 165 -0.46 -23.17 -16.71
C LEU B 165 -1.44 -23.04 -17.86
N TYR B 166 -0.92 -22.50 -18.94
CA TYR B 166 -1.75 -22.30 -20.11
C TYR B 166 -0.86 -22.97 -21.11
N LYS B 167 -1.44 -24.01 -21.70
CA LYS B 167 -0.73 -24.78 -22.69
C LYS B 167 0.64 -24.94 -22.09
N GLY B 168 0.65 -25.30 -20.81
CA GLY B 168 1.92 -25.54 -20.14
C GLY B 168 2.78 -24.32 -19.85
N MET B 169 2.41 -23.16 -20.38
CA MET B 169 3.21 -22.00 -20.06
C MET B 169 2.56 -21.35 -18.87
N LYS B 170 3.45 -20.90 -17.99
CA LYS B 170 3.12 -20.27 -16.74
C LYS B 170 2.42 -18.94 -16.86
N VAL B 171 1.40 -18.78 -16.01
CA VAL B 171 0.60 -17.58 -15.89
C VAL B 171 1.62 -16.51 -15.46
N GLY B 172 1.45 -15.32 -16.02
CA GLY B 172 2.39 -14.24 -15.73
C GLY B 172 3.48 -14.14 -16.82
N SER B 173 3.54 -15.11 -17.72
CA SER B 173 4.50 -15.13 -18.84
C SER B 173 3.84 -14.97 -20.23
N LEU B 174 2.54 -14.73 -20.16
CA LEU B 174 1.63 -14.61 -21.26
C LEU B 174 1.40 -13.36 -22.05
N GLY B 175 1.60 -12.18 -21.50
CA GLY B 175 1.31 -11.05 -22.35
C GLY B 175 2.49 -10.11 -22.22
N ASP B 176 2.20 -8.83 -22.09
CA ASP B 176 3.30 -7.89 -21.94
C ASP B 176 3.75 -7.80 -20.49
N ALA B 177 2.82 -8.04 -19.57
CA ALA B 177 3.08 -8.06 -18.13
C ALA B 177 1.88 -8.58 -17.30
N ALA B 178 2.16 -9.10 -16.12
CA ALA B 178 1.11 -9.62 -15.25
C ALA B 178 1.22 -8.96 -13.89
N GLY B 179 0.08 -9.01 -13.22
CA GLY B 179 -0.17 -8.50 -11.87
C GLY B 179 -0.62 -9.69 -11.01
N PHE B 180 -0.07 -9.80 -9.80
CA PHE B 180 -0.40 -10.89 -8.87
C PHE B 180 -0.88 -10.34 -7.56
N SER B 181 -1.74 -11.05 -6.82
CA SER B 181 -2.15 -10.47 -5.54
C SER B 181 -1.63 -11.46 -4.54
N PHE B 182 -1.05 -10.94 -3.47
CA PHE B 182 -0.62 -11.88 -2.45
C PHE B 182 -1.61 -11.71 -1.31
N TYR B 183 -2.85 -11.36 -1.64
CA TYR B 183 -3.87 -11.26 -0.60
C TYR B 183 -3.75 -12.59 0.17
N PRO B 184 -3.93 -12.57 1.48
CA PRO B 184 -3.68 -13.77 2.24
C PRO B 184 -4.41 -14.97 1.72
N ALA B 185 -5.65 -14.76 1.31
CA ALA B 185 -6.44 -15.88 0.83
C ALA B 185 -6.08 -16.49 -0.53
N LYS B 186 -5.04 -16.01 -1.21
CA LYS B 186 -4.73 -16.59 -2.52
C LYS B 186 -3.95 -17.86 -2.41
N ASN B 187 -3.81 -18.49 -3.58
CA ASN B 187 -3.06 -19.73 -3.73
C ASN B 187 -1.70 -19.52 -3.12
N LEU B 188 -1.17 -18.32 -3.29
CA LEU B 188 0.10 -18.02 -2.64
C LEU B 188 -0.18 -16.76 -1.82
N GLY B 189 -0.58 -16.85 -0.57
CA GLY B 189 -0.91 -15.63 0.15
C GLY B 189 0.22 -15.21 1.08
N SER B 190 0.31 -13.93 1.40
CA SER B 190 1.33 -13.42 2.29
C SER B 190 0.61 -13.34 3.64
N LEU B 191 1.24 -12.69 4.61
CA LEU B 191 0.58 -12.60 5.90
C LEU B 191 0.02 -11.21 6.07
N GLY B 192 -0.39 -10.64 4.93
CA GLY B 192 -1.00 -9.32 4.93
C GLY B 192 -1.24 -8.99 3.48
N ASP B 193 -1.30 -7.69 3.19
CA ASP B 193 -1.54 -7.30 1.80
C ASP B 193 -0.22 -7.42 1.05
N GLY B 194 -0.25 -7.89 -0.19
CA GLY B 194 1.00 -8.03 -0.94
C GLY B 194 0.63 -8.06 -2.42
N GLY B 195 1.53 -7.56 -3.25
CA GLY B 195 1.40 -7.56 -4.71
C GLY B 195 2.76 -7.77 -5.41
N ALA B 196 2.74 -8.18 -6.67
CA ALA B 196 3.98 -8.34 -7.40
C ALA B 196 3.69 -8.04 -8.86
N VAL B 197 4.67 -7.54 -9.58
CA VAL B 197 4.35 -7.37 -11.00
C VAL B 197 5.43 -8.17 -11.70
N VAL B 198 5.13 -8.80 -12.81
CA VAL B 198 6.21 -9.48 -13.51
C VAL B 198 6.21 -9.07 -14.96
N THR B 199 7.39 -9.25 -15.58
CA THR B 199 7.62 -8.86 -16.95
C THR B 199 9.05 -9.20 -17.43
N ASN B 200 9.23 -9.15 -18.75
CA ASN B 200 10.52 -9.39 -19.38
C ASN B 200 11.00 -8.05 -19.94
N ASP B 201 10.06 -7.10 -19.94
CA ASP B 201 10.28 -5.74 -20.40
C ASP B 201 11.08 -4.93 -19.36
N LYS B 202 12.37 -4.81 -19.62
CA LYS B 202 13.23 -4.10 -18.70
C LYS B 202 12.88 -2.65 -18.41
N ASP B 203 12.53 -1.88 -19.43
CA ASP B 203 12.22 -0.47 -19.20
C ASP B 203 11.01 -0.19 -18.35
N LEU B 204 10.03 -1.07 -18.48
CA LEU B 204 8.81 -0.96 -17.70
C LEU B 204 9.16 -1.39 -16.29
N ALA B 205 9.79 -2.55 -16.22
CA ALA B 205 10.17 -3.09 -14.92
C ALA B 205 10.90 -1.98 -14.15
N GLU B 206 11.86 -1.37 -14.84
CA GLU B 206 12.62 -0.31 -14.20
C GLU B 206 11.77 0.87 -13.80
N LYS B 207 10.71 1.11 -14.58
CA LYS B 207 9.81 2.23 -14.31
C LYS B 207 8.88 1.93 -13.14
N ILE B 208 8.34 0.73 -13.21
CA ILE B 208 7.41 0.38 -12.15
C ILE B 208 8.19 0.57 -10.88
N LYS B 209 9.39 0.01 -10.88
CA LYS B 209 10.19 0.14 -9.67
C LYS B 209 10.25 1.51 -9.07
N ALA B 210 10.78 2.48 -9.83
CA ALA B 210 10.86 3.84 -9.35
C ALA B 210 9.48 4.34 -8.93
N LEU B 211 8.47 3.95 -9.69
CA LEU B 211 7.16 4.45 -9.34
C LEU B 211 6.74 4.00 -7.97
N SER B 212 6.98 2.72 -7.77
CA SER B 212 6.55 2.09 -6.54
C SER B 212 7.31 2.70 -5.38
N ASN B 213 8.34 3.46 -5.72
CA ASN B 213 9.21 4.02 -4.70
C ASN B 213 9.25 5.51 -4.73
N TYR B 214 8.07 6.10 -4.72
CA TYR B 214 7.97 7.55 -4.75
C TYR B 214 8.58 8.08 -6.03
N GLY B 215 8.49 7.27 -7.08
CA GLY B 215 9.04 7.66 -8.36
C GLY B 215 10.54 7.86 -8.21
N SER B 216 11.20 7.07 -7.37
CA SER B 216 12.65 7.20 -7.17
C SER B 216 13.49 5.99 -7.57
N GLU B 217 14.62 6.18 -8.24
CA GLU B 217 15.47 5.03 -8.53
C GLU B 217 16.85 5.28 -7.95
N LYS B 218 16.99 6.46 -7.34
CA LYS B 218 18.20 7.01 -6.68
C LYS B 218 17.98 7.93 -5.49
N LYS B 219 18.51 7.56 -4.33
CA LYS B 219 18.29 8.37 -3.13
C LYS B 219 18.33 9.84 -3.40
N TYR B 220 17.34 10.52 -2.84
CA TYR B 220 17.23 11.97 -2.97
C TYR B 220 16.70 12.49 -4.30
N HIS B 221 16.59 11.60 -5.26
CA HIS B 221 16.09 12.10 -6.54
C HIS B 221 14.81 11.37 -6.91
N HIS B 222 13.83 12.13 -7.40
CA HIS B 222 12.57 11.54 -7.83
C HIS B 222 12.27 12.00 -9.26
N ILE B 223 12.15 11.06 -10.19
CA ILE B 223 11.95 11.47 -11.56
C ILE B 223 10.53 11.49 -12.02
N TYR B 224 9.70 10.71 -11.34
CA TYR B 224 8.29 10.64 -11.74
C TYR B 224 7.42 11.00 -10.56
N LYS B 225 6.22 11.51 -10.78
CA LYS B 225 5.41 11.76 -9.60
C LYS B 225 4.86 10.35 -9.30
N GLY B 226 5.52 9.57 -8.46
CA GLY B 226 5.04 8.20 -8.23
C GLY B 226 4.25 8.01 -6.97
N PHE B 227 4.43 6.84 -6.35
CA PHE B 227 3.66 6.55 -5.16
C PHE B 227 4.45 5.71 -4.16
N ASN B 228 3.75 5.14 -3.19
CA ASN B 228 4.35 4.28 -2.18
C ASN B 228 3.59 2.96 -2.18
N SER B 229 4.12 1.97 -2.86
CA SER B 229 3.46 0.67 -2.88
C SER B 229 4.51 -0.43 -2.89
N ARG B 230 5.07 -0.79 -1.75
CA ARG B 230 6.10 -1.80 -1.86
C ARG B 230 5.73 -3.12 -1.19
N LEU B 231 6.56 -4.14 -1.34
CA LEU B 231 6.27 -5.38 -0.64
C LEU B 231 7.19 -5.45 0.60
N ASP B 232 6.61 -5.57 1.78
CA ASP B 232 7.46 -5.58 2.96
C ASP B 232 8.48 -6.72 3.02
N GLU B 233 9.64 -6.46 3.59
CA GLU B 233 10.63 -7.52 3.74
C GLU B 233 9.94 -8.70 4.43
N LEU B 234 9.16 -8.42 5.47
CA LEU B 234 8.46 -9.50 6.17
C LEU B 234 7.70 -10.29 5.15
N GLN B 235 6.67 -9.65 4.59
CA GLN B 235 5.83 -10.34 3.62
C GLN B 235 6.54 -11.19 2.54
N ALA B 236 7.66 -10.61 2.09
CA ALA B 236 8.55 -11.19 1.06
C ALA B 236 9.17 -12.47 1.57
N GLY B 237 9.57 -12.47 2.83
CA GLY B 237 10.22 -13.67 3.33
C GLY B 237 9.17 -14.76 3.50
N PHE B 238 7.98 -14.32 3.87
CA PHE B 238 6.91 -15.27 4.09
C PHE B 238 6.65 -16.04 2.82
N LEU B 239 6.51 -15.24 1.78
CA LEU B 239 6.23 -15.79 0.48
C LEU B 239 7.29 -16.75 0.02
N ARG B 240 8.55 -16.37 0.19
CA ARG B 240 9.70 -17.19 -0.22
C ARG B 240 9.58 -18.56 0.37
N VAL B 241 9.06 -18.58 1.59
CA VAL B 241 8.88 -19.85 2.27
C VAL B 241 7.75 -20.54 1.54
N LYS B 242 6.66 -19.81 1.39
CA LYS B 242 5.55 -20.41 0.69
C LYS B 242 5.89 -20.84 -0.75
N LEU B 243 6.49 -19.94 -1.53
CA LEU B 243 6.77 -20.30 -2.92
C LEU B 243 7.19 -21.75 -3.07
N LYS B 244 8.09 -22.18 -2.18
CA LYS B 244 8.59 -23.54 -2.21
C LYS B 244 7.50 -24.59 -2.41
N TYR B 245 6.49 -24.62 -1.55
CA TYR B 245 5.46 -25.62 -1.73
C TYR B 245 4.26 -25.14 -2.50
N LEU B 246 4.32 -23.98 -3.14
CA LEU B 246 3.16 -23.48 -3.89
C LEU B 246 2.65 -24.62 -4.78
N ASP B 247 3.61 -25.15 -5.52
CA ASP B 247 3.38 -26.24 -6.44
C ASP B 247 2.65 -27.44 -5.83
N LYS B 248 3.19 -27.95 -4.71
CA LYS B 248 2.60 -29.06 -3.95
C LYS B 248 1.17 -28.87 -3.40
N TRP B 249 0.86 -27.71 -2.83
CA TRP B 249 -0.47 -27.43 -2.26
C TRP B 249 -1.44 -27.33 -3.43
N ASN B 250 -0.94 -26.68 -4.45
CA ASN B 250 -1.75 -26.54 -5.62
C ASN B 250 -2.15 -27.93 -6.12
N GLU B 251 -1.24 -28.90 -6.13
CA GLU B 251 -1.74 -30.21 -6.55
C GLU B 251 -2.90 -30.79 -5.70
N GLU B 252 -2.78 -30.73 -4.38
CA GLU B 252 -3.83 -31.27 -3.53
C GLU B 252 -5.12 -30.56 -3.85
N ARG B 253 -4.97 -29.24 -4.02
CA ARG B 253 -6.16 -28.47 -4.34
C ARG B 253 -6.82 -29.24 -5.46
N ARG B 254 -6.00 -29.54 -6.45
CA ARG B 254 -6.46 -30.20 -7.66
C ARG B 254 -7.25 -31.46 -7.39
N LYS B 255 -6.72 -32.32 -6.55
CA LYS B 255 -7.44 -33.55 -6.27
C LYS B 255 -8.79 -33.20 -5.68
N ILE B 256 -8.77 -32.27 -4.75
CA ILE B 256 -10.06 -31.90 -4.18
C ILE B 256 -10.99 -31.68 -5.38
N ALA B 257 -10.66 -30.73 -6.24
CA ALA B 257 -11.53 -30.46 -7.37
C ALA B 257 -11.88 -31.66 -8.20
N GLN B 258 -10.89 -32.42 -8.63
CA GLN B 258 -11.23 -33.56 -9.48
C GLN B 258 -12.25 -34.41 -8.74
N LYS B 259 -11.95 -34.59 -7.47
CA LYS B 259 -12.86 -35.30 -6.59
C LYS B 259 -14.32 -34.78 -6.84
N TYR B 260 -14.61 -33.55 -6.44
CA TYR B 260 -15.91 -32.86 -6.58
C TYR B 260 -16.52 -33.06 -7.95
N ILE B 261 -15.63 -33.01 -8.92
CA ILE B 261 -15.96 -33.09 -10.32
C ILE B 261 -16.64 -34.40 -10.63
N ALA B 262 -16.05 -35.50 -10.19
CA ALA B 262 -16.69 -36.81 -10.39
C ALA B 262 -17.99 -36.87 -9.58
N GLY B 263 -17.84 -36.88 -8.25
CA GLY B 263 -18.92 -36.96 -7.25
C GLY B 263 -20.15 -36.04 -7.24
N ILE B 264 -20.00 -34.82 -7.73
CA ILE B 264 -21.14 -33.93 -7.75
C ILE B 264 -22.00 -34.14 -8.99
N ASN B 265 -23.24 -34.50 -8.74
CA ASN B 265 -24.15 -34.71 -9.85
C ASN B 265 -25.52 -34.38 -9.34
N ASN B 266 -25.98 -33.19 -9.68
CA ASN B 266 -27.28 -32.88 -9.20
C ASN B 266 -27.61 -31.98 -10.36
N PRO B 267 -28.80 -32.27 -10.84
CA PRO B 267 -29.48 -31.65 -11.96
C PRO B 267 -29.72 -30.15 -11.88
N ASN B 268 -29.31 -29.51 -10.78
CA ASN B 268 -29.55 -28.07 -10.69
C ASN B 268 -28.28 -27.35 -10.35
N VAL B 269 -27.21 -28.13 -10.46
CA VAL B 269 -25.88 -27.66 -10.17
C VAL B 269 -24.97 -27.94 -11.36
N ILE B 270 -24.44 -26.85 -11.91
CA ILE B 270 -23.52 -26.92 -13.04
C ILE B 270 -22.15 -26.70 -12.41
N ILE B 271 -21.38 -27.76 -12.51
CA ILE B 271 -20.04 -27.85 -11.99
C ILE B 271 -19.10 -27.16 -12.96
N PRO B 272 -18.07 -26.52 -12.44
CA PRO B 272 -17.14 -25.79 -13.26
C PRO B 272 -16.24 -26.76 -14.03
N VAL B 273 -15.74 -26.38 -15.20
CA VAL B 273 -14.78 -27.17 -15.98
C VAL B 273 -13.52 -26.48 -16.47
N GLU B 274 -12.43 -27.23 -16.35
CA GLU B 274 -11.13 -26.73 -16.74
C GLU B 274 -10.78 -26.85 -18.20
N ALA B 275 -10.73 -25.68 -18.84
CA ALA B 275 -10.43 -25.54 -20.27
C ALA B 275 -9.37 -26.53 -20.73
N ASP B 276 -9.36 -26.81 -22.02
CA ASP B 276 -8.41 -27.80 -22.51
C ASP B 276 -6.94 -27.51 -22.45
N TYR B 277 -6.62 -26.22 -22.61
CA TYR B 277 -5.28 -25.65 -22.59
C TYR B 277 -4.85 -25.19 -21.24
N ALA B 278 -5.57 -25.62 -20.20
CA ALA B 278 -5.30 -25.12 -18.87
C ALA B 278 -4.85 -26.09 -17.83
N LYS B 279 -4.14 -25.52 -16.86
CA LYS B 279 -3.71 -26.24 -15.67
C LYS B 279 -4.25 -25.45 -14.50
N HIS B 280 -5.57 -25.53 -14.35
CA HIS B 280 -6.38 -24.90 -13.31
C HIS B 280 -5.76 -25.03 -11.92
N VAL B 281 -5.74 -23.93 -11.15
CA VAL B 281 -5.19 -24.04 -9.80
C VAL B 281 -6.31 -23.96 -8.75
N TRP B 282 -7.53 -23.77 -9.23
CA TRP B 282 -8.69 -23.74 -8.36
C TRP B 282 -8.58 -22.85 -7.16
N TYR B 283 -8.37 -21.56 -7.42
CA TYR B 283 -8.31 -20.58 -6.34
C TYR B 283 -9.78 -20.68 -5.87
N THR B 284 -10.65 -20.77 -6.86
CA THR B 284 -12.07 -20.85 -6.59
C THR B 284 -12.81 -21.95 -7.35
N PHE B 285 -13.51 -22.81 -6.62
CA PHE B 285 -14.30 -23.85 -7.26
C PHE B 285 -15.74 -23.43 -7.22
N VAL B 286 -16.15 -22.75 -8.29
CA VAL B 286 -17.49 -22.20 -8.43
C VAL B 286 -18.53 -23.01 -9.22
N ILE B 287 -19.76 -23.08 -8.71
CA ILE B 287 -20.83 -23.79 -9.42
C ILE B 287 -21.92 -22.80 -9.69
N ARG B 288 -22.78 -23.08 -10.65
CA ARG B 288 -23.86 -22.15 -10.97
C ARG B 288 -25.23 -22.79 -10.66
N SER B 289 -26.23 -21.96 -10.36
CA SER B 289 -27.59 -22.43 -10.07
C SER B 289 -28.60 -21.31 -10.11
N GLU B 290 -29.72 -21.67 -10.75
CA GLU B 290 -30.88 -20.82 -10.97
C GLU B 290 -31.45 -20.51 -9.59
N LYS B 291 -31.20 -21.41 -8.65
CA LYS B 291 -31.69 -21.15 -7.30
C LYS B 291 -30.51 -21.01 -6.36
N ARG B 292 -29.59 -20.18 -6.83
CA ARG B 292 -28.35 -19.90 -6.13
C ARG B 292 -28.49 -19.63 -4.64
N ASP B 293 -29.33 -18.64 -4.34
CA ASP B 293 -29.52 -18.22 -2.97
C ASP B 293 -29.97 -19.31 -1.98
N GLU B 294 -31.07 -19.96 -2.33
CA GLU B 294 -31.60 -21.02 -1.48
C GLU B 294 -30.59 -22.13 -1.33
N LEU B 295 -29.84 -22.33 -2.40
CA LEU B 295 -28.85 -23.38 -2.35
C LEU B 295 -27.82 -22.98 -1.28
N GLN B 296 -27.31 -21.76 -1.38
CA GLN B 296 -26.32 -21.24 -0.44
C GLN B 296 -26.74 -21.44 1.00
N LYS B 297 -27.89 -20.86 1.30
CA LYS B 297 -28.48 -20.95 2.64
C LYS B 297 -28.57 -22.41 3.03
N TYR B 298 -28.99 -23.21 2.05
CA TYR B 298 -29.13 -24.63 2.26
C TYR B 298 -27.75 -25.13 2.73
N LEU B 299 -26.79 -24.96 1.85
CA LEU B 299 -25.45 -25.40 2.17
C LEU B 299 -24.99 -24.83 3.48
N ASN B 300 -25.38 -23.60 3.76
CA ASN B 300 -24.97 -22.96 4.99
C ASN B 300 -25.53 -23.63 6.23
N ASN B 301 -26.86 -23.80 6.27
CA ASN B 301 -27.46 -24.47 7.43
C ASN B 301 -26.87 -25.85 7.64
N ASN B 302 -26.11 -26.31 6.66
CA ASN B 302 -25.50 -27.60 6.89
C ASN B 302 -24.09 -27.46 7.36
N GLY B 303 -23.72 -26.22 7.65
CA GLY B 303 -22.38 -25.89 8.13
C GLY B 303 -21.28 -25.85 7.08
N ILE B 304 -21.70 -25.59 5.85
CA ILE B 304 -20.74 -25.55 4.76
C ILE B 304 -20.55 -24.11 4.37
N GLY B 305 -19.34 -23.63 4.53
CA GLY B 305 -19.15 -22.24 4.19
C GLY B 305 -18.93 -21.98 2.73
N THR B 306 -19.51 -20.89 2.29
CA THR B 306 -19.29 -20.57 0.89
C THR B 306 -19.14 -19.08 0.78
N LEU B 307 -18.83 -18.63 -0.43
CA LEU B 307 -18.69 -17.19 -0.72
C LEU B 307 -19.28 -16.95 -2.12
N ILE B 308 -19.34 -15.70 -2.56
CA ILE B 308 -19.83 -15.43 -3.90
C ILE B 308 -18.83 -14.59 -4.65
N HIS B 309 -18.39 -15.10 -5.79
CA HIS B 309 -17.39 -14.45 -6.60
C HIS B 309 -17.73 -14.17 -8.06
N TYR B 310 -18.57 -13.18 -8.37
CA TYR B 310 -19.19 -12.32 -7.36
C TYR B 310 -20.67 -11.98 -7.60
N PRO B 311 -21.38 -11.66 -6.53
CA PRO B 311 -22.83 -11.36 -6.56
C PRO B 311 -23.32 -10.16 -7.38
N ILE B 312 -22.49 -9.14 -7.46
CA ILE B 312 -22.80 -7.91 -8.20
C ILE B 312 -21.73 -7.60 -9.27
N PRO B 313 -22.17 -6.93 -10.32
CA PRO B 313 -21.28 -6.63 -11.44
C PRO B 313 -20.61 -5.28 -11.36
N ILE B 314 -19.35 -5.26 -11.76
CA ILE B 314 -18.69 -3.99 -11.68
C ILE B 314 -19.67 -2.94 -12.15
N HIS B 315 -20.21 -3.13 -13.34
CA HIS B 315 -21.14 -2.16 -13.94
C HIS B 315 -22.42 -1.90 -13.16
N LEU B 316 -22.80 -2.84 -12.28
CA LEU B 316 -24.01 -2.71 -11.44
C LEU B 316 -23.71 -2.13 -10.05
N GLN B 317 -22.43 -1.86 -9.85
CA GLN B 317 -21.85 -1.32 -8.62
C GLN B 317 -22.03 0.18 -8.52
N GLN B 318 -22.46 0.66 -7.35
CA GLN B 318 -22.64 2.10 -7.19
C GLN B 318 -21.44 2.90 -7.67
N ALA B 319 -20.26 2.31 -7.52
CA ALA B 319 -19.08 3.05 -7.89
C ALA B 319 -18.97 3.48 -9.35
N TYR B 320 -19.49 2.65 -10.27
CA TYR B 320 -19.48 2.86 -11.72
C TYR B 320 -20.80 3.29 -12.36
N LYS B 321 -21.65 3.95 -11.59
CA LYS B 321 -22.94 4.45 -12.05
C LYS B 321 -22.82 5.54 -13.13
N ASP B 322 -21.73 6.30 -13.07
CA ASP B 322 -21.42 7.37 -14.02
C ASP B 322 -21.42 6.70 -15.41
N LEU B 323 -21.16 5.40 -15.36
CA LEU B 323 -21.12 4.53 -16.52
C LEU B 323 -22.50 4.39 -17.15
N GLY B 324 -23.54 4.62 -16.34
CA GLY B 324 -24.91 4.53 -16.80
C GLY B 324 -25.23 3.22 -17.52
N PHE B 325 -25.02 2.12 -16.84
CA PHE B 325 -25.34 0.83 -17.44
C PHE B 325 -26.53 0.41 -16.58
N LYS B 326 -27.12 -0.73 -16.89
CA LYS B 326 -28.28 -1.13 -16.11
C LYS B 326 -28.40 -2.58 -16.42
N THR B 327 -29.20 -3.27 -15.61
CA THR B 327 -29.30 -4.68 -15.90
C THR B 327 -29.70 -4.86 -17.33
N GLY B 328 -29.20 -5.94 -17.92
CA GLY B 328 -29.50 -6.25 -19.30
C GLY B 328 -28.37 -5.77 -20.18
N ASN B 329 -27.73 -4.68 -19.77
CA ASN B 329 -26.61 -4.11 -20.51
C ASN B 329 -25.48 -5.12 -20.74
N PHE B 330 -25.20 -5.97 -19.73
CA PHE B 330 -24.16 -6.99 -19.79
C PHE B 330 -24.56 -8.39 -19.36
N PRO B 331 -25.74 -8.78 -19.82
CA PRO B 331 -26.36 -10.08 -19.56
C PRO B 331 -25.54 -11.29 -19.13
N ILE B 332 -24.49 -11.63 -19.89
CA ILE B 332 -23.64 -12.80 -19.58
C ILE B 332 -23.18 -12.75 -18.12
N ALA B 333 -22.69 -11.57 -17.73
CA ALA B 333 -22.22 -11.27 -16.37
C ALA B 333 -23.43 -11.21 -15.43
N GLU B 334 -24.42 -10.36 -15.76
CA GLU B 334 -25.65 -10.19 -14.94
C GLU B 334 -26.12 -11.60 -14.54
N LYS B 335 -26.13 -12.51 -15.52
CA LYS B 335 -26.51 -13.90 -15.31
C LYS B 335 -25.67 -14.66 -14.27
N ILE B 336 -24.35 -14.78 -14.48
CA ILE B 336 -23.43 -15.48 -13.57
C ILE B 336 -23.53 -14.92 -12.14
N ALA B 337 -23.49 -13.60 -12.09
CA ALA B 337 -23.54 -12.91 -10.82
C ALA B 337 -24.75 -13.36 -10.04
N ASN B 338 -25.73 -13.94 -10.72
CA ASN B 338 -26.94 -14.33 -10.00
C ASN B 338 -27.03 -15.80 -9.65
N GLU B 339 -26.21 -16.57 -10.36
CA GLU B 339 -26.29 -17.99 -10.15
C GLU B 339 -25.03 -18.54 -9.61
N ILE B 340 -23.99 -17.72 -9.63
CA ILE B 340 -22.70 -18.22 -9.14
C ILE B 340 -22.51 -18.47 -7.62
N LEU B 341 -21.58 -19.34 -7.25
CA LEU B 341 -21.37 -19.61 -5.85
C LEU B 341 -20.19 -20.51 -5.59
N SER B 342 -19.35 -20.13 -4.63
CA SER B 342 -18.10 -20.82 -4.26
C SER B 342 -18.12 -21.72 -3.03
N ILE B 343 -17.60 -22.93 -3.16
CA ILE B 343 -17.65 -23.88 -2.05
C ILE B 343 -16.26 -24.20 -1.49
N PRO B 344 -16.19 -24.69 -0.25
CA PRO B 344 -14.89 -24.93 0.35
C PRO B 344 -13.99 -25.72 -0.60
N ILE B 345 -12.72 -25.37 -0.56
CA ILE B 345 -11.69 -26.03 -1.37
C ILE B 345 -10.38 -25.49 -0.84
N TRP B 346 -9.90 -26.08 0.25
CA TRP B 346 -8.69 -25.56 0.85
C TRP B 346 -7.67 -26.63 1.22
N TYR B 347 -6.42 -26.30 0.96
CA TYR B 347 -5.38 -27.24 1.27
C TYR B 347 -5.72 -27.81 2.63
N GLY B 348 -5.85 -29.13 2.67
CA GLY B 348 -6.06 -29.85 3.92
C GLY B 348 -7.42 -30.43 4.23
N MET B 349 -8.39 -30.15 3.38
CA MET B 349 -9.74 -30.66 3.55
C MET B 349 -9.65 -32.19 3.54
N LYS B 350 -10.25 -32.84 4.52
CA LYS B 350 -10.22 -34.29 4.58
C LYS B 350 -11.27 -34.99 3.72
N ASN B 351 -10.96 -36.23 3.36
CA ASN B 351 -11.87 -36.98 2.51
C ASN B 351 -13.32 -36.83 2.91
N GLU B 352 -13.56 -37.11 4.18
CA GLU B 352 -14.89 -37.02 4.76
C GLU B 352 -15.47 -35.64 4.47
N GLU B 353 -14.70 -34.59 4.78
CA GLU B 353 -15.17 -33.23 4.58
C GLU B 353 -15.70 -33.18 3.17
N ILE B 354 -14.77 -33.29 2.22
CA ILE B 354 -15.16 -33.28 0.79
C ILE B 354 -16.44 -34.09 0.62
N GLU B 355 -16.43 -35.30 1.15
CA GLU B 355 -17.55 -36.21 1.04
C GLU B 355 -18.83 -35.58 1.60
N TYR B 356 -18.73 -35.06 2.82
CA TYR B 356 -19.88 -34.40 3.42
C TYR B 356 -20.40 -33.30 2.51
N VAL B 357 -19.49 -32.61 1.82
CA VAL B 357 -19.77 -31.51 0.91
C VAL B 357 -20.55 -32.00 -0.31
N ILE B 358 -19.97 -32.97 -1.00
CA ILE B 358 -20.60 -33.47 -2.21
C ILE B 358 -21.92 -34.09 -1.85
N ASP B 359 -21.87 -34.77 -0.71
CA ASP B 359 -23.00 -35.48 -0.10
C ASP B 359 -24.23 -34.54 -0.09
N LYS B 360 -24.16 -33.43 0.66
CA LYS B 360 -25.27 -32.48 0.76
C LYS B 360 -25.57 -31.90 -0.59
N ILE B 361 -24.52 -31.48 -1.28
CA ILE B 361 -24.73 -30.95 -2.60
C ILE B 361 -25.60 -31.98 -3.30
N ASN B 362 -25.13 -33.21 -3.35
CA ASN B 362 -25.97 -34.19 -4.00
C ASN B 362 -27.40 -34.14 -3.46
N ALA B 363 -27.56 -34.06 -2.13
CA ALA B 363 -28.90 -34.04 -1.50
C ALA B 363 -29.92 -32.95 -1.88
N TRP B 364 -29.43 -31.82 -2.35
CA TRP B 364 -30.30 -30.72 -2.72
C TRP B 364 -31.40 -31.11 -3.72
O2P TQP C . 4.50 6.81 2.52
P TQP C . 5.32 7.05 3.89
O3P TQP C . 6.89 6.88 3.63
O1P TQP C . 4.87 6.06 4.90
O4P TQP C . 4.93 8.53 4.49
C5' TQP C . 5.29 9.55 3.55
C5P TQP C . 5.66 10.87 4.21
C4P TQP C . 6.92 11.09 4.82
C4' TQP C . 7.97 10.02 4.86
C3P TQP C . 7.16 12.37 5.41
O3' TQP C . 8.33 12.66 6.02
C2P TQP C . 6.16 13.36 5.34
C2' TQP C . 6.42 14.74 5.95
N1P TQP C . 5.01 13.10 4.72
C6P TQP C . 4.73 11.92 4.19
O4 TQP C . 13.86 -1.13 7.92
C4 TQP C . 14.62 -0.18 8.06
N3 TQP C . 15.72 -0.36 8.80
C2 TQP C . 16.56 0.67 8.99
O2 TQP C . 17.55 0.51 9.68
C5 TQP C . 14.39 1.10 7.47
C5M TQP C . 13.18 1.35 6.60
C6 TQP C . 15.28 2.12 7.68
N1 TQP C . 16.36 1.88 8.45
C1' TQP C . 17.35 2.92 8.76
O4' TQP C . 16.68 4.10 9.19
C2H TQP C . 18.13 3.28 7.50
C3' TQP C . 18.21 4.81 7.47
O3H TQP C . 19.50 5.12 7.98
C4H TQP C . 17.22 5.28 8.54
C5H TQP C . 15.94 6.03 8.17
O5' TQP C . 15.52 6.65 6.96
PA TQP C . 15.59 6.10 5.45
O1A TQP C . 14.92 4.81 5.22
O2A TQP C . 17.08 6.15 4.80
O3A TQP C . 14.73 7.17 4.64
PB TQP C . 14.70 8.65 5.28
O1B TQP C . 15.34 9.63 4.35
O2B TQP C . 15.36 8.89 6.71
O3B TQP C . 13.20 9.14 5.48
O4Q TQP C . 9.76 7.21 4.91
C4Q TQP C . 10.35 8.29 4.21
C5Q TQP C . 11.73 7.79 3.74
O5Q TQP C . 12.53 8.82 3.18
C6Q TQP C . 11.65 6.51 2.89
C3Q TQP C . 10.44 9.55 5.10
N3Q TQP C . 9.12 10.15 5.43
C2Q TQP C . 11.43 10.57 4.48
O2Q TQP C . 11.77 11.64 5.39
C1Q TQP C . 12.73 9.79 4.21
O2P TQP D . -5.62 -5.68 -4.14
P TQP D . -5.53 -7.28 -4.02
O3P TQP D . -6.65 -7.73 -2.97
O1P TQP D . -4.19 -7.68 -3.57
O4P TQP D . -5.85 -7.99 -5.43
C5' TQP D . -6.79 -7.19 -6.18
C5P TQP D . -7.38 -8.08 -7.24
C4P TQP D . -8.07 -9.25 -6.87
C4' TQP D . -8.29 -9.62 -5.46
C3P TQP D . -8.59 -10.08 -7.88
O3' TQP D . -9.24 -11.23 -7.56
C2P TQP D . -8.42 -9.73 -9.21
C2' TQP D . -8.95 -10.62 -10.31
N1P TQP D . -7.77 -8.63 -9.52
C6P TQP D . -7.26 -7.82 -8.59
O4 TQP D . -6.58 -13.18 6.99
C4 TQP D . -7.48 -13.85 6.52
N3 TQP D . -7.79 -15.04 7.08
C2 TQP D . -8.77 -15.81 6.55
O2 TQP D . -9.05 -16.88 7.06
C5 TQP D . -8.21 -13.41 5.38
C5M TQP D . -7.89 -12.08 4.75
C6 TQP D . -9.18 -14.21 4.87
N1 TQP D . -9.43 -15.41 5.46
C1' TQP D . -10.45 -16.30 4.89
O4' TQP D . -10.22 -16.36 3.48
C2H TQP D . -11.88 -15.81 5.13
C3' TQP D . -12.50 -15.69 3.74
O3H TQP D . -13.70 -16.46 3.72
C4H TQP D . -11.48 -16.29 2.73
C5H TQP D . -11.46 -15.39 1.48
O5' TQP D . -11.27 -14.12 2.18
PA TQP D . -12.03 -12.79 1.57
O1A TQP D . -11.33 -11.74 2.40
O2A TQP D . -13.63 -12.86 1.87
O3A TQP D . -11.93 -12.10 0.10
PB TQP D . -12.58 -12.87 -1.14
O1B TQP D . -13.92 -12.25 -1.43
O2B TQP D . -12.85 -14.42 -0.85
O3B TQP D . -11.69 -12.52 -2.40
O4Q TQP D . -8.34 -9.65 -2.71
C4Q TQP D . -9.74 -9.69 -3.03
C5Q TQP D . -10.59 -9.97 -1.78
O5Q TQP D . -11.99 -10.10 -2.09
C6Q TQP D . -10.36 -8.78 -0.84
C3Q TQP D . -9.98 -10.73 -4.11
N3Q TQP D . -9.36 -10.27 -5.36
C2Q TQP D . -11.48 -10.92 -4.33
O2Q TQP D . -11.65 -12.07 -5.16
C1Q TQP D . -12.12 -11.22 -2.97
#